data_5EML
#
_entry.id   5EML
#
_cell.length_a   103.400
_cell.length_b   138.130
_cell.length_c   178.920
_cell.angle_alpha   90.000
_cell.angle_beta   90.000
_cell.angle_gamma   90.000
#
_symmetry.space_group_name_H-M   'I 2 2 2'
#
loop_
_entity.id
_entity.type
_entity.pdbx_description
1 polymer 'Protein arginine N-methyltransferase 5'
2 polymer 'Methylosome protein 50'
3 non-polymer S-ADENOSYLMETHIONINE
4 non-polymer ~{N}-[(2~{R})-3-(3,4-dihydro-1~{H}-isoquinolin-2-yl)-2-oxidanyl-propyl]-2-quinolin-8-yloxy-ethanamide
5 non-polymer GLYCEROL
6 water water
#
loop_
_entity_poly.entity_id
_entity_poly.type
_entity_poly.pdbx_seq_one_letter_code
_entity_poly.pdbx_strand_id
1 'polypeptide(L)'
;MDYKDDDDKAAMAVGGAGGSRVSSGRDLNCVPEIADTLGAVAKQGFDFLCMPVFHPRFKREFIQEPAKNRPGPQTRSDLL
LSGRDWNTLIVGKLSPWIRPDSKVEKIRRNSEAAMLQELNFGAYLGLPAFLLPLNQEDNTNLARVLTNHIHTGHHSSMFW
MRVPLVAPEDLRDDIIENAPTTHTEEYSGEEKTWMWWHNFRTLCDYSKRIAVALEIGADLPSNHVIDRWLGEPIKAAILP
TSIFLTNKKGFPVLSKMHQRLIFRLLKLEVQFIITGTNHHSEKEFCSYLQYLEYLSQNRPPPNAYELFAKGYEDYLQSPL
QPLMDNLESQTYEVFEKDPIKYSQYQQAIYKCLLDRVPEEEKDTNVQVLMVLGAGRGPLVNASLRAAKQADRRIKLYAVE
KNPNAVVTLENWQFEEWGSQVTVVSSDMREWVAPEKADIIVSELLGSFADNELSPECLDGAQHFLKDDGVSIPGEYTSFL
APISSSKLYNEVRACREKDRDPEAQFEMPYVVRLHNFHQLSAPQPCFTFSHPNRDPMIDNNRYCTLEFPVEVNTVLHGFA
GYFETVLYQDITLSIRPETHSPGMFSWFPILFPIKQPITVREGQTICVRFWRCSNSKKVWYEWAVTAPVCSAIHNPTGRS
YTIGL
;
A
2 'polypeptide(L)'
;MHHHHHHHHRKETPPPLVPPAAREWNLPPNAPACMERQLEAARYRSDGALLLGASSLSGRCWAGSLWLFKDPCAAPNEGF
CSAGVQTEAGVADLTWVGERGILVASDSGAVELWELDENETLIVSKFCKYEHDDIVSTVSVLSSGTQAVSGSKDICIKVW
DLAQQVVLSSYRAHAAQVTCVAASPHKDSVFLSCSEDNRILLWDTRCPKPASQIGCSAPGYLPTSLAWHPQQSEVFVFGD
ENGTVSLVDTKSTSCVLSSAVHSQCVTGLVFSPHSVPFLASLSEDCSLAVLDSSLSELFRSQAHRDFVRDATWSPLNHSL
LTTVGWDHQVVHHVVPTEPLPAPGPASVTE
;
B
#
loop_
_chem_comp.id
_chem_comp.type
_chem_comp.name
_chem_comp.formula
5QK non-polymer ~{N}-[(2~{R})-3-(3,4-dihydro-1~{H}-isoquinolin-2-yl)-2-oxidanyl-propyl]-2-quinolin-8-yloxy-ethanamide 'C23 H25 N3 O3'
GOL non-polymer GLYCEROL 'C3 H8 O3'
SAM non-polymer S-ADENOSYLMETHIONINE 'C15 H22 N6 O5 S'
#
# COMPACT_ATOMS: atom_id res chain seq x y z
N ARG A 21 -2.53 -19.94 -4.21
CA ARG A 21 -3.88 -19.34 -3.92
C ARG A 21 -3.68 -17.90 -3.48
N VAL A 22 -3.98 -17.61 -2.21
CA VAL A 22 -3.79 -16.28 -1.67
C VAL A 22 -2.73 -16.28 -0.58
N SER A 23 -1.68 -15.48 -0.79
CA SER A 23 -0.70 -15.21 0.27
C SER A 23 -1.25 -14.10 1.14
N SER A 24 -1.24 -14.34 2.43
CA SER A 24 -1.91 -13.47 3.37
C SER A 24 -1.18 -13.46 4.69
N GLY A 25 -1.23 -12.35 5.41
CA GLY A 25 -0.52 -12.23 6.68
C GLY A 25 -1.45 -11.71 7.74
N ARG A 26 -1.08 -11.89 9.01
CA ARG A 26 -1.84 -11.33 10.12
C ARG A 26 -1.15 -10.07 10.65
N ASP A 27 -1.93 -9.03 10.90
CA ASP A 27 -1.33 -7.82 11.46
C ASP A 27 -1.63 -7.71 12.94
N LEU A 28 -0.59 -7.80 13.76
CA LEU A 28 -0.80 -7.69 15.19
C LEU A 28 -0.03 -6.52 15.76
N ASN A 29 -0.60 -5.86 16.74
CA ASN A 29 0.13 -4.81 17.40
C ASN A 29 0.37 -5.13 18.86
N CYS A 30 0.27 -6.44 19.19
CA CYS A 30 0.52 -7.01 20.53
C CYS A 30 1.06 -8.45 20.46
N VAL A 31 2.30 -8.66 20.92
CA VAL A 31 2.93 -9.99 20.86
C VAL A 31 3.65 -10.32 22.14
N PRO A 32 2.94 -10.99 23.09
CA PRO A 32 3.53 -11.30 24.40
C PRO A 32 4.72 -12.27 24.32
N GLU A 33 4.58 -13.33 23.54
CA GLU A 33 5.69 -14.23 23.33
C GLU A 33 5.70 -14.63 21.87
N ILE A 34 6.80 -14.30 21.21
CA ILE A 34 6.94 -14.45 19.75
C ILE A 34 6.76 -15.88 19.22
N ALA A 35 7.44 -16.84 19.85
CA ALA A 35 7.28 -18.27 19.57
C ALA A 35 5.82 -18.65 19.48
N ASP A 36 5.08 -18.37 20.55
CA ASP A 36 3.68 -18.74 20.66
C ASP A 36 2.81 -18.09 19.59
N THR A 37 2.92 -16.76 19.50
CA THR A 37 2.12 -15.98 18.56
C THR A 37 2.28 -16.47 17.12
N LEU A 38 3.54 -16.62 16.69
CA LEU A 38 3.85 -17.14 15.38
C LEU A 38 3.23 -18.51 15.14
N GLY A 39 3.29 -19.38 16.15
CA GLY A 39 2.62 -20.68 16.06
C GLY A 39 1.12 -20.51 15.88
N ALA A 40 0.51 -19.68 16.71
CA ALA A 40 -0.93 -19.46 16.65
C ALA A 40 -1.37 -19.07 15.24
N VAL A 41 -0.71 -18.05 14.68
CA VAL A 41 -1.11 -17.52 13.37
C VAL A 41 -0.80 -18.49 12.24
N ALA A 42 0.26 -19.27 12.38
CA ALA A 42 0.60 -20.27 11.37
C ALA A 42 -0.47 -21.36 11.34
N LYS A 43 -0.79 -21.89 12.51
CA LYS A 43 -1.90 -22.85 12.67
C LYS A 43 -3.17 -22.29 12.04
N GLN A 44 -3.42 -21.01 12.26
CA GLN A 44 -4.60 -20.33 11.71
C GLN A 44 -4.63 -20.25 10.18
N GLY A 45 -3.48 -20.40 9.52
CA GLY A 45 -3.43 -20.44 8.06
C GLY A 45 -2.57 -19.38 7.38
N PHE A 46 -2.23 -18.33 8.12
CA PHE A 46 -1.42 -17.20 7.64
C PHE A 46 0.00 -17.52 7.14
N ASP A 47 0.39 -16.90 6.02
CA ASP A 47 1.76 -17.00 5.48
C ASP A 47 2.81 -16.21 6.23
N PHE A 48 2.38 -15.13 6.89
CA PHE A 48 3.33 -14.25 7.59
C PHE A 48 2.62 -13.36 8.61
N LEU A 49 3.44 -12.79 9.49
CA LEU A 49 2.98 -11.98 10.60
C LEU A 49 3.57 -10.58 10.50
N CYS A 50 2.74 -9.56 10.73
CA CYS A 50 3.24 -8.18 10.89
C CYS A 50 3.19 -7.73 12.34
N MET A 51 4.34 -7.39 12.89
CA MET A 51 4.45 -7.14 14.30
C MET A 51 5.54 -6.13 14.63
N PRO A 52 5.46 -5.55 15.82
CA PRO A 52 6.46 -4.61 16.32
C PRO A 52 7.80 -5.30 16.50
N VAL A 53 8.88 -4.56 16.29
CA VAL A 53 10.21 -5.11 16.58
C VAL A 53 10.71 -4.60 17.93
N PHE A 54 10.04 -3.56 18.42
CA PHE A 54 10.20 -3.05 19.76
C PHE A 54 8.79 -2.97 20.30
N HIS A 55 8.64 -2.96 21.62
CA HIS A 55 7.29 -2.86 22.20
C HIS A 55 6.65 -1.52 21.82
N PRO A 56 5.43 -1.56 21.29
CA PRO A 56 4.85 -0.34 20.74
C PRO A 56 4.74 0.80 21.72
N ARG A 57 4.74 0.50 23.02
CA ARG A 57 4.59 1.55 24.04
C ARG A 57 5.91 1.96 24.62
N PHE A 58 6.97 1.29 24.15
CA PHE A 58 8.27 1.44 24.76
C PHE A 58 9.02 2.71 24.27
N LYS A 59 8.41 3.86 24.47
CA LYS A 59 9.00 5.16 24.10
C LYS A 59 10.43 5.28 24.62
N ARG A 60 11.41 5.42 23.74
CA ARG A 60 12.84 5.61 24.13
C ARG A 60 13.28 7.06 24.04
N GLU A 61 14.39 7.37 24.72
CA GLU A 61 14.91 8.72 24.80
C GLU A 61 16.41 8.67 24.46
N PHE A 62 16.89 9.61 23.66
CA PHE A 62 18.20 9.50 23.03
C PHE A 62 19.17 10.60 23.41
N ILE A 63 18.66 11.68 24.00
CA ILE A 63 19.51 12.84 24.32
C ILE A 63 19.59 13.18 25.83
N GLN A 64 18.43 13.29 26.49
CA GLN A 64 18.34 13.84 27.86
C GLN A 64 18.49 12.79 28.96
N GLU A 65 19.36 13.08 29.92
CA GLU A 65 19.54 12.21 31.07
C GLU A 65 18.41 12.41 32.08
N PRO A 66 17.96 11.35 32.75
CA PRO A 66 18.54 10.02 32.83
C PRO A 66 17.96 8.93 31.92
N ALA A 67 16.80 9.20 31.33
CA ALA A 67 16.07 8.20 30.52
C ALA A 67 16.89 7.70 29.35
N LYS A 68 17.77 8.56 28.86
CA LYS A 68 18.80 8.22 27.89
C LYS A 68 19.51 6.93 28.33
N ASN A 69 19.93 6.88 29.60
CA ASN A 69 20.73 5.77 30.14
C ASN A 69 19.91 4.59 30.69
N ARG A 70 18.62 4.56 30.35
CA ARG A 70 17.78 3.40 30.63
C ARG A 70 18.52 2.07 30.34
N PRO A 71 18.77 1.26 31.40
CA PRO A 71 19.44 -0.01 31.14
C PRO A 71 18.66 -0.87 30.18
N GLY A 72 19.36 -1.70 29.43
CA GLY A 72 18.77 -2.55 28.38
C GLY A 72 18.27 -3.85 28.99
N PRO A 73 17.86 -4.83 28.16
CA PRO A 73 17.85 -4.84 26.68
C PRO A 73 16.82 -3.86 26.09
N GLN A 74 17.14 -3.25 24.95
CA GLN A 74 16.24 -2.31 24.30
C GLN A 74 15.07 -3.02 23.65
N THR A 75 15.25 -4.30 23.32
CA THR A 75 14.16 -5.14 22.83
C THR A 75 14.44 -6.63 22.99
N ARG A 76 13.55 -7.42 22.44
CA ARG A 76 13.62 -8.86 22.43
C ARG A 76 14.63 -9.40 21.41
N SER A 77 15.29 -10.48 21.79
CA SER A 77 16.48 -10.99 21.13
C SER A 77 16.22 -11.65 19.77
N ASP A 78 17.17 -11.44 18.85
CA ASP A 78 17.15 -12.15 17.54
C ASP A 78 17.24 -13.66 17.64
N LEU A 79 17.78 -14.16 18.74
CA LEU A 79 17.92 -15.61 18.90
C LEU A 79 16.59 -16.34 18.94
N LEU A 80 15.54 -15.61 19.28
CA LEU A 80 14.19 -16.15 19.44
C LEU A 80 13.58 -16.75 18.18
N LEU A 81 14.17 -16.44 17.02
CA LEU A 81 13.76 -17.10 15.77
C LEU A 81 14.96 -17.50 14.93
N SER A 82 14.77 -18.54 14.13
CA SER A 82 15.73 -18.87 13.09
C SER A 82 15.90 -17.73 12.07
N GLY A 83 17.11 -17.64 11.52
CA GLY A 83 17.38 -16.78 10.38
C GLY A 83 16.31 -16.92 9.32
N ARG A 84 15.95 -18.17 8.97
CA ARG A 84 14.95 -18.38 7.94
C ARG A 84 13.60 -17.79 8.33
N ASP A 85 13.21 -17.93 9.59
CA ASP A 85 11.92 -17.42 10.05
C ASP A 85 11.87 -15.89 9.97
N TRP A 86 12.97 -15.25 10.33
CA TRP A 86 13.08 -13.82 10.23
C TRP A 86 12.98 -13.37 8.76
N ASN A 87 13.77 -14.00 7.88
CA ASN A 87 13.75 -13.72 6.45
C ASN A 87 12.41 -13.89 5.76
N THR A 88 11.51 -14.70 6.32
CA THR A 88 10.36 -15.12 5.53
C THR A 88 9.01 -14.97 6.21
N LEU A 89 9.00 -14.96 7.53
CA LEU A 89 7.72 -14.96 8.22
C LEU A 89 7.36 -13.62 8.85
N ILE A 90 8.32 -12.71 8.98
CA ILE A 90 8.12 -11.49 9.76
C ILE A 90 8.20 -10.18 8.96
N VAL A 91 7.21 -9.33 9.17
CA VAL A 91 7.19 -7.99 8.64
C VAL A 91 7.22 -7.06 9.84
N GLY A 92 8.24 -6.21 9.92
CA GLY A 92 8.37 -5.21 10.98
C GLY A 92 7.32 -4.10 10.88
N LYS A 93 7.15 -3.36 11.96
CA LYS A 93 6.24 -2.21 12.00
C LYS A 93 6.97 -1.14 12.76
N LEU A 94 6.93 0.09 12.22
CA LEU A 94 7.48 1.23 12.95
C LEU A 94 6.67 1.48 14.24
N SER A 95 7.33 1.80 15.33
CA SER A 95 6.60 2.13 16.56
C SER A 95 5.73 3.38 16.41
N PRO A 96 4.49 3.31 16.91
CA PRO A 96 3.50 4.29 16.53
C PRO A 96 3.67 5.63 17.19
N TRP A 97 4.63 5.75 18.12
CA TRP A 97 4.95 7.00 18.78
C TRP A 97 6.04 7.77 18.02
N ILE A 98 6.65 7.11 17.04
CA ILE A 98 7.70 7.72 16.27
C ILE A 98 7.04 8.68 15.31
N ARG A 99 7.30 9.97 15.51
CA ARG A 99 6.67 11.03 14.73
C ARG A 99 7.74 12.01 14.23
N PRO A 100 8.40 11.67 13.10
CA PRO A 100 9.53 12.47 12.60
C PRO A 100 9.12 13.87 12.13
N ASP A 101 7.83 14.06 11.97
CA ASP A 101 7.29 15.30 11.42
C ASP A 101 6.44 16.04 12.41
N SER A 102 6.68 15.78 13.68
CA SER A 102 6.00 16.50 14.74
C SER A 102 6.54 17.93 14.80
N LYS A 103 5.73 18.81 15.37
CA LYS A 103 6.05 20.22 15.46
C LYS A 103 6.89 20.50 16.70
N VAL A 104 7.12 19.47 17.51
CA VAL A 104 7.89 19.65 18.73
C VAL A 104 9.27 19.12 18.46
N GLU A 105 10.27 19.99 18.59
CA GLU A 105 11.63 19.61 18.25
C GLU A 105 12.19 18.38 18.98
N LYS A 106 11.96 18.28 20.29
CA LYS A 106 12.50 17.14 21.05
C LYS A 106 11.90 15.82 20.58
N ILE A 107 10.62 15.85 20.21
CA ILE A 107 9.90 14.67 19.69
C ILE A 107 10.37 14.29 18.29
N ARG A 108 10.59 15.32 17.46
CA ARG A 108 11.16 15.14 16.15
C ARG A 108 12.53 14.45 16.24
N ARG A 109 13.42 14.93 17.12
CA ARG A 109 14.76 14.34 17.26
C ARG A 109 14.75 12.89 17.79
N ASN A 110 14.03 12.65 18.89
CA ASN A 110 13.89 11.26 19.35
C ASN A 110 13.29 10.39 18.27
N SER A 111 12.36 10.95 17.51
CA SER A 111 11.72 10.16 16.48
C SER A 111 12.67 9.80 15.31
N GLU A 112 13.47 10.75 14.85
CA GLU A 112 14.52 10.47 13.88
C GLU A 112 15.37 9.30 14.39
N ALA A 113 15.99 9.47 15.54
CA ALA A 113 16.86 8.44 16.13
C ALA A 113 16.15 7.09 16.33
N ALA A 114 14.90 7.13 16.74
CA ALA A 114 14.12 5.90 17.00
C ALA A 114 13.82 5.16 15.71
N MET A 115 13.52 5.92 14.67
CA MET A 115 13.21 5.40 13.34
C MET A 115 14.45 4.74 12.76
N LEU A 116 15.58 5.44 12.78
CA LEU A 116 16.82 4.82 12.37
C LEU A 116 17.03 3.49 13.11
N GLN A 117 16.88 3.54 14.44
CA GLN A 117 17.11 2.39 15.28
C GLN A 117 16.21 1.24 14.86
N GLU A 118 14.90 1.49 14.71
CA GLU A 118 14.06 0.36 14.36
C GLU A 118 14.34 -0.11 12.96
N LEU A 119 14.62 0.84 12.06
CA LEU A 119 15.01 0.48 10.69
C LEU A 119 16.29 -0.36 10.64
N ASN A 120 17.34 0.10 11.31
CA ASN A 120 18.55 -0.69 11.43
C ASN A 120 18.34 -2.09 12.02
N PHE A 121 17.45 -2.21 13.00
CA PHE A 121 17.15 -3.54 13.58
C PHE A 121 16.48 -4.46 12.57
N GLY A 122 15.59 -3.92 11.76
CA GLY A 122 14.91 -4.76 10.77
C GLY A 122 15.93 -5.32 9.82
N ALA A 123 16.83 -4.46 9.38
CA ALA A 123 17.90 -4.84 8.46
C ALA A 123 18.86 -5.83 9.13
N TYR A 124 19.18 -5.57 10.39
CA TYR A 124 19.99 -6.49 11.18
C TYR A 124 19.35 -7.90 11.17
N LEU A 125 18.03 -7.94 11.33
CA LEU A 125 17.25 -9.19 11.37
C LEU A 125 17.06 -9.81 10.02
N GLY A 126 17.07 -8.99 8.97
CA GLY A 126 16.92 -9.50 7.61
C GLY A 126 15.47 -9.57 7.23
N LEU A 127 14.64 -8.71 7.82
CA LEU A 127 13.22 -8.71 7.49
C LEU A 127 13.02 -8.36 6.01
N PRO A 128 12.12 -9.12 5.35
CA PRO A 128 11.75 -8.93 3.95
C PRO A 128 10.93 -7.65 3.71
N ALA A 129 10.23 -7.20 4.73
CA ALA A 129 9.39 -6.03 4.61
C ALA A 129 9.25 -5.37 5.95
N PHE A 130 8.83 -4.12 5.94
CA PHE A 130 8.76 -3.31 7.13
C PHE A 130 7.70 -2.23 6.84
N LEU A 131 6.76 -2.03 7.76
CA LEU A 131 5.61 -1.15 7.53
C LEU A 131 5.83 0.23 8.14
N LEU A 132 5.37 1.27 7.45
CA LEU A 132 5.43 2.62 8.00
C LEU A 132 4.15 3.30 7.54
N PRO A 133 3.46 4.01 8.46
CA PRO A 133 2.22 4.71 8.08
C PRO A 133 2.45 6.02 7.31
N LEU A 134 1.58 6.33 6.34
CA LEU A 134 1.31 7.72 5.99
C LEU A 134 -0.09 8.03 6.48
N ASN A 135 -0.16 8.73 7.59
CA ASN A 135 -1.42 8.94 8.28
C ASN A 135 -1.66 10.42 8.43
N GLN A 136 -0.81 11.24 7.79
CA GLN A 136 -1.04 12.67 7.67
C GLN A 136 -0.48 13.19 6.35
N GLU A 137 -0.68 14.49 6.10
CA GLU A 137 -0.24 15.16 4.86
C GLU A 137 1.28 15.36 4.80
N ASP A 138 1.85 15.90 5.85
CA ASP A 138 3.26 16.22 5.83
C ASP A 138 4.16 15.11 6.37
N ASN A 139 4.82 14.37 5.49
CA ASN A 139 5.77 13.36 5.90
C ASN A 139 7.15 13.60 5.36
N THR A 140 7.47 14.87 5.19
CA THR A 140 8.71 15.24 4.59
C THR A 140 9.85 14.59 5.36
N ASN A 141 9.86 14.74 6.67
CA ASN A 141 11.02 14.29 7.44
C ASN A 141 11.12 12.77 7.54
N LEU A 142 9.96 12.11 7.62
CA LEU A 142 9.89 10.64 7.57
C LEU A 142 10.57 10.17 6.31
N ALA A 143 10.19 10.78 5.17
CA ALA A 143 10.81 10.52 3.86
C ALA A 143 12.32 10.72 3.89
N ARG A 144 12.76 11.76 4.57
CA ARG A 144 14.16 12.10 4.54
C ARG A 144 14.90 11.02 5.28
N VAL A 145 14.37 10.65 6.43
CA VAL A 145 15.00 9.60 7.23
C VAL A 145 15.02 8.28 6.48
N LEU A 146 13.94 7.92 5.80
CA LEU A 146 13.89 6.63 5.12
C LEU A 146 14.88 6.65 3.95
N THR A 147 14.80 7.71 3.13
CA THR A 147 15.73 7.87 2.02
C THR A 147 17.14 7.73 2.55
N ASN A 148 17.45 8.36 3.67
CA ASN A 148 18.78 8.17 4.22
C ASN A 148 19.10 6.73 4.50
N HIS A 149 18.17 6.00 5.14
CA HIS A 149 18.39 4.61 5.50
C HIS A 149 18.60 3.83 4.23
N ILE A 150 17.82 4.13 3.21
CA ILE A 150 17.91 3.42 1.94
C ILE A 150 19.31 3.52 1.34
N HIS A 151 19.94 4.69 1.45
CA HIS A 151 21.26 4.93 0.88
C HIS A 151 22.41 4.69 1.87
N THR A 152 22.19 3.77 2.80
CA THR A 152 23.21 3.43 3.78
C THR A 152 23.38 1.92 3.71
N GLY A 153 24.13 1.49 2.70
CA GLY A 153 24.23 0.07 2.31
C GLY A 153 23.20 -0.24 1.24
N HIS A 154 23.48 -1.21 0.38
CA HIS A 154 22.48 -1.66 -0.61
C HIS A 154 21.80 -2.96 -0.16
N HIS A 155 20.49 -2.88 0.13
CA HIS A 155 19.69 -4.03 0.57
C HIS A 155 18.45 -4.24 -0.29
N SER A 156 17.90 -5.45 -0.22
CA SER A 156 16.76 -5.84 -1.07
C SER A 156 15.40 -5.51 -0.46
N SER A 157 15.35 -5.45 0.87
CA SER A 157 14.08 -5.46 1.62
C SER A 157 13.13 -4.27 1.36
N MET A 158 11.83 -4.55 1.44
CA MET A 158 10.80 -3.59 1.08
C MET A 158 10.27 -2.77 2.23
N PHE A 159 9.93 -1.53 1.90
CA PHE A 159 9.20 -0.68 2.80
C PHE A 159 7.78 -0.47 2.31
N TRP A 160 6.83 -1.03 3.07
CA TRP A 160 5.42 -0.89 2.80
C TRP A 160 4.88 0.35 3.54
N MET A 161 4.39 1.32 2.77
CA MET A 161 3.72 2.47 3.34
C MET A 161 2.26 2.14 3.52
N ARG A 162 1.79 2.32 4.73
CA ARG A 162 0.46 1.94 5.06
C ARG A 162 -0.39 3.17 4.87
N VAL A 163 -1.12 3.20 3.74
CA VAL A 163 -1.99 4.34 3.43
C VAL A 163 -3.44 3.92 3.28
N PRO A 164 -4.36 4.69 3.84
CA PRO A 164 -5.77 4.32 3.66
C PRO A 164 -6.42 4.88 2.40
N LEU A 165 -7.37 4.15 1.85
CA LEU A 165 -8.22 4.72 0.80
C LEU A 165 -8.82 6.02 1.27
N VAL A 166 -9.37 6.02 2.49
CA VAL A 166 -10.01 7.20 3.05
C VAL A 166 -9.25 7.62 4.29
N ALA A 167 -8.90 8.89 4.34
CA ALA A 167 -8.20 9.51 5.48
C ALA A 167 -9.06 9.42 6.73
N PRO A 168 -8.43 9.13 7.88
CA PRO A 168 -9.15 9.07 9.16
C PRO A 168 -10.12 10.26 9.39
N GLU A 169 -9.64 11.49 9.16
CA GLU A 169 -10.44 12.72 9.29
C GLU A 169 -11.71 12.76 8.45
N ASP A 170 -11.74 11.99 7.36
CA ASP A 170 -12.87 11.98 6.44
C ASP A 170 -13.70 10.69 6.67
N LEU A 171 -13.28 9.92 7.67
CA LEU A 171 -13.98 8.67 8.01
C LEU A 171 -14.71 8.79 9.36
N ARG A 172 -14.39 9.82 10.13
CA ARG A 172 -14.94 10.00 11.48
C ARG A 172 -16.48 10.12 11.50
N ASP A 173 -17.08 9.80 12.65
CA ASP A 173 -18.53 9.92 12.85
C ASP A 173 -18.92 11.38 12.92
N ASP A 174 -20.11 11.69 12.43
CA ASP A 174 -20.61 13.05 12.49
C ASP A 174 -21.20 13.34 13.87
N ILE A 175 -20.34 13.39 14.88
CA ILE A 175 -20.81 13.40 16.26
C ILE A 175 -20.17 14.54 17.09
N ILE A 176 -19.62 15.53 16.40
CA ILE A 176 -19.19 16.73 17.11
C ILE A 176 -20.14 17.86 16.77
N GLU A 177 -20.97 18.24 17.74
N GLU A 177 -20.95 18.27 17.74
CA GLU A 177 -21.88 19.38 17.61
CA GLU A 177 -21.91 19.36 17.57
C GLU A 177 -21.23 20.56 16.86
C GLU A 177 -21.31 20.63 16.92
N ASN A 178 -20.15 21.10 17.41
CA ASN A 178 -19.51 22.31 16.86
C ASN A 178 -18.39 22.11 15.82
N ALA A 179 -18.31 20.92 15.23
CA ALA A 179 -17.36 20.63 14.17
C ALA A 179 -17.99 19.58 13.26
N PRO A 180 -19.02 19.98 12.49
CA PRO A 180 -19.73 19.00 11.65
C PRO A 180 -18.85 18.44 10.52
N THR A 181 -19.15 17.22 10.09
CA THR A 181 -18.45 16.65 8.96
C THR A 181 -19.07 17.25 7.71
N THR A 182 -18.23 17.69 6.77
CA THR A 182 -18.70 18.38 5.56
C THR A 182 -19.26 17.39 4.52
N HIS A 183 -20.57 17.48 4.27
CA HIS A 183 -21.26 16.55 3.35
C HIS A 183 -21.31 17.03 1.90
N THR A 184 -20.63 18.15 1.61
CA THR A 184 -20.60 18.72 0.25
C THR A 184 -19.65 17.95 -0.69
N GLU A 185 -19.63 18.33 -1.97
CA GLU A 185 -18.83 17.66 -3.00
C GLU A 185 -17.34 18.07 -2.98
N GLU A 186 -16.46 17.07 -2.87
CA GLU A 186 -15.02 17.27 -2.76
C GLU A 186 -14.20 16.33 -3.66
N TYR A 187 -14.26 16.56 -4.97
CA TYR A 187 -13.56 15.67 -5.93
C TYR A 187 -12.08 15.51 -5.58
N SER A 188 -11.37 16.65 -5.47
CA SER A 188 -9.95 16.68 -5.09
C SER A 188 -9.65 16.17 -3.68
N GLY A 189 -10.39 16.68 -2.69
CA GLY A 189 -10.22 16.30 -1.28
C GLY A 189 -10.28 14.81 -1.00
N GLU A 190 -11.20 14.10 -1.64
CA GLU A 190 -11.32 12.63 -1.50
C GLU A 190 -10.15 11.87 -2.11
N GLU A 191 -9.30 12.58 -2.85
CA GLU A 191 -8.03 12.04 -3.31
C GLU A 191 -6.82 12.51 -2.48
N LYS A 192 -7.06 13.09 -1.31
CA LYS A 192 -5.96 13.67 -0.55
C LYS A 192 -4.87 12.62 -0.26
N THR A 193 -5.34 11.41 -0.06
CA THR A 193 -4.57 10.29 0.38
C THR A 193 -3.58 9.82 -0.67
N TRP A 194 -4.04 9.76 -1.91
CA TRP A 194 -3.13 9.50 -3.01
C TRP A 194 -2.00 10.56 -3.04
N MET A 195 -2.35 11.83 -2.81
N MET A 195 -2.36 11.83 -2.82
CA MET A 195 -1.32 12.87 -2.85
CA MET A 195 -1.36 12.91 -2.82
C MET A 195 -0.29 12.70 -1.73
C MET A 195 -0.31 12.69 -1.73
N TRP A 196 -0.75 12.18 -0.58
CA TRP A 196 0.16 11.87 0.54
C TRP A 196 1.26 10.91 0.09
N TRP A 197 0.81 9.86 -0.59
CA TRP A 197 1.68 8.85 -1.14
C TRP A 197 2.48 9.39 -2.35
N HIS A 198 1.77 10.03 -3.28
CA HIS A 198 2.49 10.64 -4.42
C HIS A 198 3.68 11.45 -3.90
N ASN A 199 3.42 12.39 -3.00
CA ASN A 199 4.49 13.29 -2.52
C ASN A 199 5.60 12.56 -1.84
N PHE A 200 5.25 11.54 -1.05
CA PHE A 200 6.25 10.84 -0.24
C PHE A 200 7.22 10.15 -1.17
N ARG A 201 6.63 9.52 -2.17
CA ARG A 201 7.36 8.69 -3.09
C ARG A 201 8.20 9.55 -4.05
N THR A 202 7.78 10.78 -4.28
CA THR A 202 8.53 11.71 -5.10
C THR A 202 9.75 12.19 -4.33
N LEU A 203 9.55 12.54 -3.08
CA LEU A 203 10.62 12.99 -2.23
C LEU A 203 11.71 11.92 -2.14
N CYS A 204 11.26 10.65 -2.11
CA CYS A 204 12.16 9.48 -1.96
C CYS A 204 12.67 9.00 -3.33
N ASP A 205 12.41 9.82 -4.36
CA ASP A 205 12.92 9.58 -5.70
C ASP A 205 12.52 8.21 -6.27
N TYR A 206 11.24 7.90 -6.16
CA TYR A 206 10.67 6.65 -6.72
C TYR A 206 11.46 5.39 -6.39
N SER A 207 12.06 5.27 -5.22
CA SER A 207 12.88 4.10 -4.91
C SER A 207 12.07 2.79 -5.14
N LYS A 208 12.70 1.77 -5.73
CA LYS A 208 11.97 0.54 -6.06
C LYS A 208 11.64 -0.20 -4.76
N ARG A 209 12.19 0.30 -3.65
CA ARG A 209 12.06 -0.37 -2.35
C ARG A 209 10.85 0.11 -1.54
N ILE A 210 10.10 1.05 -2.08
CA ILE A 210 9.02 1.66 -1.35
C ILE A 210 7.75 1.37 -2.11
N ALA A 211 6.84 0.66 -1.45
CA ALA A 211 5.63 0.21 -2.11
C ALA A 211 4.42 0.55 -1.26
N VAL A 212 3.20 0.34 -1.77
CA VAL A 212 1.97 0.70 -1.03
C VAL A 212 1.35 -0.53 -0.32
N ALA A 213 1.06 -0.34 0.96
CA ALA A 213 0.20 -1.24 1.74
C ALA A 213 -1.16 -0.54 1.86
N LEU A 214 -2.04 -0.76 0.90
CA LEU A 214 -3.26 0.01 0.81
C LEU A 214 -4.30 -0.46 1.85
N GLU A 215 -4.66 0.43 2.78
CA GLU A 215 -5.68 0.14 3.80
C GLU A 215 -7.11 0.39 3.32
N ILE A 216 -7.92 -0.67 3.32
CA ILE A 216 -9.31 -0.61 2.87
C ILE A 216 -10.30 -0.44 4.04
N GLY A 217 -11.28 0.45 3.88
CA GLY A 217 -12.24 0.75 4.94
C GLY A 217 -13.65 0.27 4.69
N ALA A 218 -14.49 0.38 5.73
CA ALA A 218 -15.88 -0.06 5.69
C ALA A 218 -16.57 0.60 4.51
N ASP A 219 -16.39 1.91 4.40
CA ASP A 219 -16.92 2.71 3.31
C ASP A 219 -15.87 2.87 2.22
N LEU A 220 -16.08 2.22 1.09
CA LEU A 220 -15.21 2.46 -0.05
C LEU A 220 -15.46 3.87 -0.46
N PRO A 221 -14.40 4.59 -0.84
CA PRO A 221 -14.61 5.95 -1.31
C PRO A 221 -15.22 5.84 -2.69
N SER A 222 -15.47 6.98 -3.33
CA SER A 222 -15.87 7.01 -4.73
C SER A 222 -14.95 6.14 -5.60
N ASN A 223 -15.46 5.69 -6.74
N ASN A 223 -15.48 5.69 -6.74
CA ASN A 223 -14.72 4.84 -7.64
CA ASN A 223 -14.74 4.84 -7.67
C ASN A 223 -13.48 5.51 -8.21
C ASN A 223 -13.48 5.51 -8.21
N HIS A 224 -13.54 6.84 -8.34
CA HIS A 224 -12.41 7.61 -8.87
C HIS A 224 -11.18 7.54 -7.96
N VAL A 225 -11.41 7.64 -6.67
CA VAL A 225 -10.36 7.48 -5.67
C VAL A 225 -9.68 6.10 -5.80
N ILE A 226 -10.44 5.09 -6.23
CA ILE A 226 -9.90 3.74 -6.51
C ILE A 226 -9.29 3.70 -7.90
N ASP A 227 -9.49 4.79 -8.65
CA ASP A 227 -8.87 4.91 -9.95
C ASP A 227 -7.40 5.31 -9.74
N ARG A 228 -7.18 6.22 -8.79
CA ARG A 228 -5.85 6.78 -8.52
C ARG A 228 -4.81 5.69 -8.42
N TRP A 229 -5.17 4.65 -7.67
CA TRP A 229 -4.24 3.65 -7.20
C TRP A 229 -3.96 2.60 -8.24
N LEU A 230 -4.54 2.80 -9.42
CA LEU A 230 -4.54 1.75 -10.45
C LEU A 230 -3.12 1.24 -10.77
N GLY A 231 -2.22 2.17 -11.15
CA GLY A 231 -0.89 1.79 -11.60
C GLY A 231 0.17 1.87 -10.56
N GLU A 232 -0.23 2.17 -9.33
CA GLU A 232 0.74 2.31 -8.22
C GLU A 232 1.30 0.96 -7.74
N PRO A 233 2.51 0.97 -7.14
CA PRO A 233 3.17 -0.26 -6.65
C PRO A 233 2.52 -0.88 -5.41
N ILE A 234 1.31 -1.38 -5.56
CA ILE A 234 0.65 -1.99 -4.42
C ILE A 234 1.18 -3.40 -4.17
N LYS A 235 1.82 -3.57 -3.03
CA LYS A 235 2.36 -4.87 -2.64
C LYS A 235 1.47 -5.59 -1.63
N ALA A 236 0.65 -4.85 -0.90
CA ALA A 236 -0.27 -5.46 0.08
C ALA A 236 -1.53 -4.67 0.18
N ALA A 237 -2.62 -5.37 0.52
CA ALA A 237 -3.89 -4.73 0.88
C ALA A 237 -4.34 -5.15 2.28
N ILE A 238 -4.64 -4.17 3.11
CA ILE A 238 -4.96 -4.40 4.52
C ILE A 238 -6.47 -4.41 4.72
N LEU A 239 -6.97 -5.52 5.26
CA LEU A 239 -8.43 -5.72 5.46
C LEU A 239 -8.72 -5.78 6.92
N PRO A 240 -9.32 -4.72 7.49
CA PRO A 240 -9.70 -4.76 8.89
C PRO A 240 -10.89 -5.69 9.09
N THR A 241 -10.91 -6.40 10.21
CA THR A 241 -12.05 -7.28 10.49
C THR A 241 -13.38 -6.50 10.44
N SER A 242 -13.36 -5.26 10.97
CA SER A 242 -14.45 -4.27 10.88
C SER A 242 -15.26 -4.19 9.58
N ILE A 243 -14.70 -4.61 8.45
CA ILE A 243 -15.37 -4.32 7.18
C ILE A 243 -16.18 -5.50 6.68
N PHE A 244 -15.94 -6.66 7.29
CA PHE A 244 -16.68 -7.86 6.94
C PHE A 244 -18.09 -7.79 7.46
N LEU A 245 -19.02 -8.20 6.62
CA LEU A 245 -20.40 -8.36 7.02
C LEU A 245 -20.57 -9.81 7.51
N THR A 246 -21.80 -10.17 7.89
CA THR A 246 -22.12 -11.53 8.36
C THR A 246 -23.21 -12.17 7.50
N ASN A 247 -23.00 -13.42 7.09
CA ASN A 247 -24.05 -14.11 6.33
C ASN A 247 -25.08 -14.81 7.25
N LYS A 248 -25.95 -15.61 6.65
CA LYS A 248 -26.98 -16.36 7.40
C LYS A 248 -26.34 -17.25 8.48
N LYS A 249 -25.38 -18.07 8.09
CA LYS A 249 -24.73 -19.01 9.01
C LYS A 249 -23.60 -18.36 9.83
N GLY A 250 -23.62 -17.03 9.91
CA GLY A 250 -22.68 -16.26 10.75
C GLY A 250 -21.22 -16.15 10.34
N PHE A 251 -20.85 -16.73 9.20
CA PHE A 251 -19.50 -16.62 8.63
C PHE A 251 -19.19 -15.16 8.22
N PRO A 252 -17.90 -14.74 8.28
CA PRO A 252 -17.53 -13.43 7.71
C PRO A 252 -17.49 -13.43 6.17
N VAL A 253 -18.09 -12.39 5.56
CA VAL A 253 -18.09 -12.16 4.11
C VAL A 253 -17.95 -10.65 3.82
N LEU A 254 -18.02 -10.26 2.54
CA LEU A 254 -17.85 -8.85 2.12
C LEU A 254 -18.93 -8.36 1.15
N SER A 255 -19.25 -7.07 1.21
CA SER A 255 -20.18 -6.42 0.27
C SER A 255 -19.76 -6.66 -1.17
N LYS A 256 -20.73 -6.69 -2.08
CA LYS A 256 -20.45 -6.87 -3.52
C LYS A 256 -19.30 -5.96 -3.97
N MET A 257 -19.38 -4.68 -3.60
CA MET A 257 -18.36 -3.70 -3.94
C MET A 257 -16.97 -4.14 -3.52
N HIS A 258 -16.80 -4.40 -2.22
CA HIS A 258 -15.54 -4.92 -1.70
C HIS A 258 -15.06 -6.16 -2.44
N GLN A 259 -15.95 -7.03 -2.90
CA GLN A 259 -15.53 -8.19 -3.67
C GLN A 259 -14.91 -7.74 -5.01
N ARG A 260 -15.61 -6.85 -5.72
CA ARG A 260 -15.07 -6.27 -6.96
C ARG A 260 -13.63 -5.80 -6.74
N LEU A 261 -13.40 -5.03 -5.68
CA LEU A 261 -12.07 -4.51 -5.41
C LEU A 261 -11.08 -5.63 -5.13
N ILE A 262 -11.50 -6.63 -4.37
CA ILE A 262 -10.63 -7.75 -4.08
C ILE A 262 -10.22 -8.40 -5.38
N PHE A 263 -11.21 -8.66 -6.23
CA PHE A 263 -10.95 -9.27 -7.55
C PHE A 263 -9.94 -8.47 -8.38
N ARG A 264 -10.05 -7.15 -8.37
CA ARG A 264 -9.07 -6.27 -9.00
C ARG A 264 -7.69 -6.49 -8.36
N LEU A 265 -7.64 -6.51 -7.03
CA LEU A 265 -6.39 -6.74 -6.33
C LEU A 265 -5.81 -8.14 -6.55
N LEU A 266 -6.67 -9.14 -6.74
CA LEU A 266 -6.13 -10.48 -7.01
C LEU A 266 -5.39 -10.48 -8.33
N LYS A 267 -6.00 -9.84 -9.33
CA LYS A 267 -5.38 -9.65 -10.66
C LYS A 267 -3.99 -9.00 -10.58
N LEU A 268 -3.76 -8.14 -9.58
CA LEU A 268 -2.48 -7.52 -9.35
C LEU A 268 -1.61 -8.32 -8.38
N GLU A 269 -2.14 -9.44 -7.92
CA GLU A 269 -1.38 -10.32 -7.05
C GLU A 269 -0.68 -9.59 -5.91
N VAL A 270 -1.44 -8.86 -5.12
CA VAL A 270 -0.94 -8.33 -3.88
C VAL A 270 -1.05 -9.39 -2.80
N GLN A 271 -0.40 -9.14 -1.67
CA GLN A 271 -0.60 -9.98 -0.50
C GLN A 271 -1.67 -9.35 0.39
N PHE A 272 -2.53 -10.18 0.99
CA PHE A 272 -3.60 -9.67 1.84
C PHE A 272 -3.26 -9.76 3.30
N ILE A 273 -3.67 -8.75 4.05
CA ILE A 273 -3.31 -8.64 5.44
C ILE A 273 -4.55 -8.35 6.24
N ILE A 274 -4.82 -9.21 7.23
CA ILE A 274 -5.94 -9.05 8.15
C ILE A 274 -5.47 -8.35 9.43
N THR A 275 -6.14 -7.23 9.74
CA THR A 275 -5.81 -6.46 10.94
C THR A 275 -7.04 -6.38 11.88
N GLY A 276 -6.82 -6.16 13.18
CA GLY A 276 -7.95 -6.05 14.15
C GLY A 276 -8.33 -7.35 14.85
N THR A 277 -9.19 -7.29 15.87
CA THR A 277 -9.62 -8.51 16.60
C THR A 277 -10.74 -9.24 15.90
N ASN A 278 -11.01 -10.48 16.32
CA ASN A 278 -12.13 -11.25 15.82
C ASN A 278 -13.47 -10.72 16.37
N HIS A 279 -14.37 -10.36 15.46
CA HIS A 279 -15.67 -9.82 15.86
C HIS A 279 -16.81 -10.81 15.63
N HIS A 280 -16.58 -11.72 14.68
CA HIS A 280 -17.44 -12.89 14.50
C HIS A 280 -16.93 -13.97 15.47
N SER A 281 -17.36 -13.85 16.72
CA SER A 281 -16.77 -14.58 17.84
C SER A 281 -16.87 -16.11 17.77
N GLU A 282 -18.00 -16.61 17.24
CA GLU A 282 -18.24 -18.06 17.12
C GLU A 282 -17.45 -18.72 15.98
N LYS A 283 -16.42 -18.03 15.47
CA LYS A 283 -15.57 -18.52 14.39
C LYS A 283 -14.10 -18.23 14.67
N GLU A 284 -13.22 -19.03 14.05
CA GLU A 284 -11.78 -18.83 14.12
C GLU A 284 -11.35 -17.67 13.20
N PHE A 285 -10.18 -17.10 13.45
CA PHE A 285 -9.57 -16.12 12.54
C PHE A 285 -9.37 -16.67 11.13
N CYS A 286 -9.27 -18.00 11.05
CA CYS A 286 -9.07 -18.68 9.77
C CYS A 286 -10.30 -18.55 8.85
N SER A 287 -11.42 -18.11 9.39
CA SER A 287 -12.65 -17.96 8.63
C SER A 287 -12.63 -16.72 7.71
N TYR A 288 -12.15 -15.58 8.21
CA TYR A 288 -11.81 -14.44 7.36
C TYR A 288 -10.96 -14.89 6.18
N LEU A 289 -9.89 -15.60 6.49
CA LEU A 289 -8.96 -16.09 5.51
C LEU A 289 -9.67 -17.02 4.53
N GLN A 290 -10.45 -17.96 5.05
CA GLN A 290 -11.17 -18.96 4.25
C GLN A 290 -12.06 -18.28 3.22
N TYR A 291 -12.61 -17.14 3.60
CA TYR A 291 -13.44 -16.38 2.68
C TYR A 291 -12.62 -15.85 1.49
N LEU A 292 -11.46 -15.28 1.79
CA LEU A 292 -10.54 -14.80 0.75
C LEU A 292 -10.15 -15.91 -0.21
N GLU A 293 -9.71 -17.04 0.33
CA GLU A 293 -9.35 -18.19 -0.50
C GLU A 293 -10.55 -18.66 -1.32
N TYR A 294 -11.75 -18.47 -0.76
CA TYR A 294 -12.98 -18.78 -1.48
C TYR A 294 -13.12 -17.83 -2.67
N LEU A 295 -13.02 -16.53 -2.42
CA LEU A 295 -13.06 -15.52 -3.49
C LEU A 295 -12.09 -15.75 -4.68
N SER A 296 -10.83 -16.10 -4.38
CA SER A 296 -9.81 -16.34 -5.41
C SER A 296 -10.02 -17.63 -6.20
N GLN A 297 -10.45 -18.68 -5.52
CA GLN A 297 -10.82 -19.92 -6.19
C GLN A 297 -12.08 -19.73 -7.04
N ASN A 298 -12.91 -18.77 -6.65
CA ASN A 298 -14.13 -18.43 -7.40
C ASN A 298 -13.96 -17.30 -8.41
N ARG A 299 -12.75 -17.07 -8.90
CA ARG A 299 -12.57 -16.09 -9.95
C ARG A 299 -12.44 -16.81 -11.29
N PRO A 300 -12.88 -16.18 -12.39
CA PRO A 300 -12.83 -16.84 -13.70
C PRO A 300 -11.42 -17.32 -14.04
N PRO A 301 -11.29 -18.57 -14.53
CA PRO A 301 -9.95 -19.08 -14.88
C PRO A 301 -9.33 -18.27 -16.03
N PRO A 302 -8.01 -18.05 -15.98
CA PRO A 302 -7.36 -17.23 -17.01
C PRO A 302 -7.58 -17.80 -18.41
N ASN A 303 -7.87 -16.94 -19.38
CA ASN A 303 -8.00 -17.38 -20.78
C ASN A 303 -6.65 -17.84 -21.34
N ALA A 304 -6.61 -18.26 -22.59
CA ALA A 304 -5.37 -18.80 -23.16
C ALA A 304 -4.24 -17.75 -23.28
N TYR A 305 -4.61 -16.52 -23.67
CA TYR A 305 -3.69 -15.38 -23.70
C TYR A 305 -3.05 -15.13 -22.32
N GLU A 306 -3.88 -15.13 -21.28
CA GLU A 306 -3.44 -14.86 -19.90
C GLU A 306 -2.52 -15.94 -19.33
N LEU A 307 -2.66 -17.16 -19.84
CA LEU A 307 -1.73 -18.24 -19.48
C LEU A 307 -0.38 -18.05 -20.19
N PHE A 308 -0.43 -17.70 -21.47
CA PHE A 308 0.80 -17.42 -22.22
C PHE A 308 1.58 -16.24 -21.63
N ALA A 309 0.87 -15.15 -21.36
CA ALA A 309 1.46 -13.88 -20.97
C ALA A 309 1.85 -13.85 -19.50
N LYS A 310 1.64 -14.97 -18.83
CA LYS A 310 1.67 -15.00 -17.37
C LYS A 310 2.98 -14.54 -16.78
N GLY A 311 4.08 -15.14 -17.21
CA GLY A 311 5.39 -14.79 -16.66
C GLY A 311 5.92 -13.40 -17.08
N TYR A 312 5.17 -12.68 -17.94
CA TYR A 312 5.70 -11.53 -18.67
C TYR A 312 5.20 -10.17 -18.21
N GLU A 313 4.36 -10.15 -17.19
CA GLU A 313 3.63 -8.95 -16.81
C GLU A 313 4.60 -7.86 -16.41
N ASP A 314 4.46 -6.70 -17.04
CA ASP A 314 5.42 -5.59 -16.89
C ASP A 314 6.91 -5.98 -17.03
N TYR A 315 7.20 -7.07 -17.72
CA TYR A 315 8.57 -7.37 -18.11
C TYR A 315 8.93 -6.61 -19.40
N LEU A 316 9.90 -5.71 -19.32
CA LEU A 316 10.24 -4.85 -20.46
C LEU A 316 11.15 -5.56 -21.44
N GLN A 317 10.76 -5.59 -22.70
CA GLN A 317 11.65 -6.15 -23.73
C GLN A 317 12.10 -5.11 -24.74
N SER A 318 13.26 -5.36 -25.32
N SER A 318 13.40 -5.13 -25.01
CA SER A 318 13.60 -4.78 -26.61
CA SER A 318 14.10 -3.99 -25.57
C SER A 318 12.61 -5.30 -27.68
C SER A 318 14.09 -4.09 -27.09
N PRO A 319 12.09 -4.42 -28.53
N PRO A 319 14.08 -2.96 -27.77
CA PRO A 319 11.31 -5.05 -29.59
CA PRO A 319 13.97 -2.86 -29.23
C PRO A 319 12.22 -5.92 -30.45
C PRO A 319 15.01 -3.67 -29.99
N LEU A 320 11.65 -6.99 -31.04
N LEU A 320 14.58 -4.29 -31.08
CA LEU A 320 12.38 -7.82 -32.00
CA LEU A 320 15.45 -5.21 -31.82
C LEU A 320 12.71 -7.00 -33.24
C LEU A 320 15.48 -4.91 -33.30
N GLN A 321 13.86 -7.25 -33.84
N GLN A 321 16.45 -5.53 -33.96
CA GLN A 321 14.27 -6.52 -35.03
CA GLN A 321 16.71 -5.33 -35.37
C GLN A 321 14.87 -7.49 -36.06
C GLN A 321 16.09 -6.42 -36.25
N PRO A 322 14.02 -8.19 -36.81
N PRO A 322 14.87 -6.18 -36.76
CA PRO A 322 14.47 -9.23 -37.73
CA PRO A 322 14.04 -7.12 -37.54
C PRO A 322 14.84 -8.72 -39.10
C PRO A 322 14.75 -7.62 -38.77
N LEU A 323 15.41 -7.52 -39.19
N LEU A 323 15.29 -6.67 -39.50
CA LEU A 323 15.89 -7.00 -40.48
CA LEU A 323 16.07 -6.93 -40.69
C LEU A 323 17.42 -6.81 -40.57
C LEU A 323 17.46 -7.34 -40.29
N MET A 324 18.04 -6.51 -39.43
CA MET A 324 19.48 -6.48 -39.30
C MET A 324 20.00 -7.61 -38.41
N ASP A 325 19.12 -8.19 -37.60
CA ASP A 325 19.44 -9.44 -36.87
C ASP A 325 18.65 -10.56 -37.49
N ASN A 326 19.07 -11.78 -37.14
CA ASN A 326 18.35 -12.99 -37.50
C ASN A 326 17.69 -13.63 -36.28
N LEU A 327 16.39 -13.86 -36.40
CA LEU A 327 15.63 -14.49 -35.34
C LEU A 327 16.15 -15.92 -35.04
N GLU A 328 16.17 -16.28 -33.77
CA GLU A 328 16.54 -17.63 -33.33
C GLU A 328 15.43 -18.67 -33.55
N SER A 329 15.85 -19.90 -33.75
CA SER A 329 14.94 -21.03 -33.98
C SER A 329 13.81 -21.05 -32.95
N GLN A 330 14.15 -20.89 -31.68
CA GLN A 330 13.14 -20.96 -30.60
C GLN A 330 12.19 -19.80 -30.58
N THR A 331 12.50 -18.76 -31.35
CA THR A 331 11.67 -17.59 -31.41
C THR A 331 10.59 -17.79 -32.46
N TYR A 332 10.97 -18.44 -33.56
CA TYR A 332 10.00 -18.86 -34.53
C TYR A 332 9.11 -19.91 -33.87
N GLU A 333 9.72 -20.81 -33.11
CA GLU A 333 8.97 -21.87 -32.44
C GLU A 333 7.81 -21.33 -31.58
N VAL A 334 8.09 -20.42 -30.66
CA VAL A 334 7.04 -19.94 -29.74
C VAL A 334 5.87 -19.33 -30.52
N PHE A 335 6.19 -18.54 -31.56
CA PHE A 335 5.17 -17.80 -32.30
C PHE A 335 4.39 -18.58 -33.33
N GLU A 336 4.96 -19.67 -33.81
CA GLU A 336 4.25 -20.60 -34.70
C GLU A 336 3.09 -21.28 -33.95
N LYS A 337 3.09 -21.14 -32.63
CA LYS A 337 2.14 -21.82 -31.76
C LYS A 337 0.82 -21.02 -31.62
N ASP A 338 0.74 -19.88 -32.29
CA ASP A 338 -0.45 -19.03 -32.21
C ASP A 338 -1.63 -19.65 -32.99
N PRO A 339 -2.78 -19.84 -32.33
CA PRO A 339 -3.85 -20.43 -33.13
C PRO A 339 -4.33 -19.43 -34.18
N ILE A 340 -4.78 -18.28 -33.69
CA ILE A 340 -5.55 -17.34 -34.47
C ILE A 340 -4.78 -16.66 -35.61
N LYS A 341 -3.48 -16.36 -35.43
CA LYS A 341 -2.76 -15.61 -36.46
C LYS A 341 -2.78 -16.30 -37.82
N TYR A 342 -2.44 -17.58 -37.85
CA TYR A 342 -2.31 -18.27 -39.12
C TYR A 342 -3.66 -18.65 -39.73
N SER A 343 -4.61 -19.07 -38.87
CA SER A 343 -6.00 -19.35 -39.29
C SER A 343 -6.62 -18.16 -39.97
N GLN A 344 -6.38 -17.00 -39.39
CA GLN A 344 -6.75 -15.73 -40.01
C GLN A 344 -6.07 -15.47 -41.34
N TYR A 345 -4.80 -15.82 -41.50
CA TYR A 345 -4.11 -15.61 -42.80
C TYR A 345 -4.66 -16.61 -43.85
N GLN A 346 -4.91 -17.84 -43.42
CA GLN A 346 -5.51 -18.84 -44.27
C GLN A 346 -6.81 -18.30 -44.85
N GLN A 347 -7.72 -17.88 -43.97
CA GLN A 347 -8.98 -17.29 -44.38
C GLN A 347 -8.79 -16.06 -45.29
N ALA A 348 -7.73 -15.30 -45.10
CA ALA A 348 -7.52 -14.13 -45.97
C ALA A 348 -7.11 -14.54 -47.37
N ILE A 349 -6.25 -15.57 -47.44
CA ILE A 349 -5.76 -16.08 -48.70
C ILE A 349 -6.92 -16.79 -49.42
N TYR A 350 -7.67 -17.58 -48.65
CA TYR A 350 -8.89 -18.24 -49.12
C TYR A 350 -9.83 -17.30 -49.89
N LYS A 351 -10.35 -16.27 -49.21
CA LYS A 351 -11.24 -15.28 -49.85
C LYS A 351 -10.60 -14.64 -51.07
N CYS A 352 -9.35 -14.21 -50.95
CA CYS A 352 -8.69 -13.49 -52.05
C CYS A 352 -8.60 -14.32 -53.33
N LEU A 353 -8.35 -15.62 -53.18
CA LEU A 353 -8.26 -16.49 -54.34
C LEU A 353 -9.62 -16.51 -55.06
N LEU A 354 -10.68 -16.74 -54.30
CA LEU A 354 -12.02 -16.83 -54.85
C LEU A 354 -12.39 -15.58 -55.66
N ASP A 355 -11.92 -14.43 -55.18
CA ASP A 355 -12.26 -13.16 -55.80
C ASP A 355 -11.45 -12.88 -57.06
N ARG A 356 -10.44 -13.70 -57.32
CA ARG A 356 -9.51 -13.42 -58.42
C ARG A 356 -9.56 -14.48 -59.51
N VAL A 357 -10.06 -15.66 -59.17
CA VAL A 357 -10.27 -16.75 -60.12
C VAL A 357 -11.65 -17.42 -59.98
N PRO A 358 -12.52 -17.16 -60.99
CA PRO A 358 -13.91 -17.61 -61.04
C PRO A 358 -13.98 -19.10 -61.25
N GLU A 359 -15.04 -19.71 -60.74
CA GLU A 359 -15.28 -21.16 -60.85
C GLU A 359 -14.96 -21.79 -62.20
N GLU A 360 -15.41 -21.16 -63.28
CA GLU A 360 -15.12 -21.64 -64.64
C GLU A 360 -13.63 -21.61 -65.01
N GLU A 361 -12.81 -20.99 -64.16
CA GLU A 361 -11.37 -20.88 -64.43
C GLU A 361 -10.52 -21.73 -63.48
N LYS A 362 -11.19 -22.39 -62.54
CA LYS A 362 -10.53 -23.04 -61.43
C LYS A 362 -9.34 -23.94 -61.81
N ASP A 363 -9.45 -24.66 -62.92
CA ASP A 363 -8.43 -25.60 -63.36
C ASP A 363 -7.44 -24.96 -64.33
N THR A 364 -7.82 -23.83 -64.92
CA THR A 364 -7.00 -23.18 -65.94
C THR A 364 -6.14 -22.02 -65.40
N ASN A 365 -6.55 -21.45 -64.27
CA ASN A 365 -5.86 -20.32 -63.68
C ASN A 365 -5.10 -20.70 -62.42
N VAL A 366 -3.78 -20.65 -62.54
CA VAL A 366 -2.87 -20.92 -61.46
C VAL A 366 -2.35 -19.57 -60.93
N GLN A 367 -2.74 -19.23 -59.69
CA GLN A 367 -2.32 -17.94 -59.11
C GLN A 367 -0.87 -18.01 -58.62
N VAL A 368 -0.07 -16.99 -58.94
CA VAL A 368 1.28 -16.90 -58.35
C VAL A 368 1.27 -16.16 -57.00
N LEU A 369 1.55 -16.94 -55.95
CA LEU A 369 1.63 -16.50 -54.57
C LEU A 369 3.06 -16.38 -54.00
N MET A 370 3.40 -15.22 -53.44
CA MET A 370 4.71 -15.03 -52.82
C MET A 370 4.63 -14.74 -51.33
N VAL A 371 5.24 -15.60 -50.53
CA VAL A 371 5.37 -15.32 -49.11
C VAL A 371 6.67 -14.57 -48.85
N LEU A 372 6.56 -13.39 -48.26
CA LEU A 372 7.72 -12.48 -48.17
C LEU A 372 8.19 -12.41 -46.73
N GLY A 373 9.34 -13.02 -46.44
CA GLY A 373 9.76 -13.28 -45.07
C GLY A 373 8.99 -14.45 -44.51
N ALA A 374 9.30 -15.64 -45.03
CA ALA A 374 8.56 -16.87 -44.80
C ALA A 374 8.98 -17.61 -43.54
N GLY A 375 10.02 -17.12 -42.86
CA GLY A 375 10.44 -17.77 -41.60
C GLY A 375 10.59 -19.27 -41.81
N ARG A 376 10.02 -20.07 -40.92
CA ARG A 376 10.08 -21.54 -41.11
C ARG A 376 8.95 -22.18 -41.96
N GLY A 377 8.11 -21.35 -42.58
CA GLY A 377 7.07 -21.84 -43.49
C GLY A 377 5.57 -21.85 -43.12
N PRO A 378 5.20 -21.45 -41.89
CA PRO A 378 3.78 -21.62 -41.56
C PRO A 378 2.85 -20.87 -42.53
N LEU A 379 3.28 -19.74 -43.05
CA LEU A 379 2.51 -18.96 -44.02
C LEU A 379 2.48 -19.64 -45.39
N VAL A 380 3.50 -20.44 -45.69
CA VAL A 380 3.52 -21.24 -46.90
C VAL A 380 2.51 -22.39 -46.73
N ASN A 381 2.54 -23.07 -45.59
CA ASN A 381 1.52 -24.04 -45.31
C ASN A 381 0.13 -23.46 -45.30
N ALA A 382 -0.01 -22.24 -44.79
CA ALA A 382 -1.34 -21.66 -44.71
C ALA A 382 -1.79 -21.24 -46.11
N SER A 383 -0.82 -21.00 -46.99
CA SER A 383 -1.18 -20.70 -48.37
C SER A 383 -1.66 -21.97 -49.05
N LEU A 384 -0.94 -23.06 -48.83
CA LEU A 384 -1.28 -24.35 -49.40
C LEU A 384 -2.65 -24.79 -48.90
N ARG A 385 -2.96 -24.53 -47.63
CA ARG A 385 -4.26 -24.98 -47.11
C ARG A 385 -5.39 -24.11 -47.65
N ALA A 386 -5.10 -22.84 -47.87
CA ALA A 386 -6.07 -21.93 -48.44
C ALA A 386 -6.43 -22.30 -49.88
N ALA A 387 -5.46 -22.79 -50.64
CA ALA A 387 -5.72 -23.11 -52.05
C ALA A 387 -6.53 -24.42 -52.20
N LYS A 388 -6.24 -25.42 -51.38
CA LYS A 388 -7.06 -26.64 -51.40
C LYS A 388 -8.42 -26.44 -50.72
N GLN A 389 -8.61 -25.31 -50.06
CA GLN A 389 -9.89 -25.00 -49.44
C GLN A 389 -10.70 -24.19 -50.45
N ALA A 390 -9.99 -23.42 -51.26
CA ALA A 390 -10.64 -22.64 -52.31
C ALA A 390 -10.88 -23.51 -53.54
N ASP A 391 -10.36 -24.74 -53.48
CA ASP A 391 -10.08 -25.54 -54.67
C ASP A 391 -9.61 -24.62 -55.80
N ARG A 392 -8.44 -24.02 -55.62
CA ARG A 392 -7.79 -23.28 -56.69
C ARG A 392 -6.31 -23.61 -56.75
N ARG A 393 -5.67 -23.28 -57.86
CA ARG A 393 -4.29 -23.69 -58.07
C ARG A 393 -3.30 -22.53 -57.93
N ILE A 394 -2.20 -22.80 -57.21
CA ILE A 394 -1.19 -21.78 -56.92
C ILE A 394 0.27 -22.22 -57.09
N LYS A 395 1.08 -21.30 -57.60
CA LYS A 395 2.53 -21.45 -57.54
C LYS A 395 3.00 -20.59 -56.37
N LEU A 396 3.95 -21.11 -55.60
CA LEU A 396 4.44 -20.43 -54.41
C LEU A 396 5.90 -20.07 -54.48
N TYR A 397 6.23 -18.85 -54.04
CA TYR A 397 7.63 -18.50 -53.75
C TYR A 397 7.78 -18.16 -52.27
N ALA A 398 8.80 -18.75 -51.64
CA ALA A 398 9.05 -18.50 -50.22
C ALA A 398 10.37 -17.75 -50.03
N VAL A 399 10.29 -16.44 -49.99
CA VAL A 399 11.45 -15.57 -49.82
C VAL A 399 11.74 -15.30 -48.35
N GLU A 400 12.98 -15.59 -47.93
CA GLU A 400 13.41 -15.44 -46.55
C GLU A 400 14.85 -15.01 -46.55
N LYS A 401 15.20 -14.02 -45.72
CA LYS A 401 16.59 -13.51 -45.73
C LYS A 401 17.41 -14.15 -44.63
N ASN A 402 16.75 -14.68 -43.62
CA ASN A 402 17.47 -15.34 -42.53
C ASN A 402 17.91 -16.70 -43.04
N PRO A 403 19.19 -16.81 -43.43
CA PRO A 403 19.70 -18.06 -44.03
C PRO A 403 19.54 -19.27 -43.10
N ASN A 404 19.46 -19.05 -41.80
CA ASN A 404 19.27 -20.16 -40.87
C ASN A 404 17.84 -20.72 -40.97
N ALA A 405 16.87 -19.86 -41.22
CA ALA A 405 15.49 -20.30 -41.41
C ALA A 405 15.38 -20.91 -42.80
N VAL A 406 16.03 -20.28 -43.78
CA VAL A 406 16.18 -20.85 -45.12
C VAL A 406 16.64 -22.30 -45.10
N VAL A 407 17.34 -22.72 -44.05
CA VAL A 407 17.65 -24.15 -43.87
C VAL A 407 16.36 -24.96 -43.68
N THR A 408 15.52 -24.54 -42.75
CA THR A 408 14.24 -25.21 -42.45
C THR A 408 13.34 -25.26 -43.69
N LEU A 409 13.22 -24.12 -44.38
CA LEU A 409 12.39 -24.00 -45.56
C LEU A 409 12.83 -24.97 -46.63
N GLU A 410 14.14 -25.02 -46.90
CA GLU A 410 14.70 -25.87 -47.94
C GLU A 410 14.56 -27.36 -47.62
N ASN A 411 14.61 -27.71 -46.33
CA ASN A 411 14.31 -29.07 -45.93
C ASN A 411 12.80 -29.38 -46.01
N TRP A 412 11.94 -28.39 -45.76
CA TRP A 412 10.50 -28.57 -45.98
C TRP A 412 10.19 -28.80 -47.45
N GLN A 413 10.88 -28.07 -48.34
CA GLN A 413 10.52 -28.10 -49.75
C GLN A 413 11.03 -29.33 -50.46
N PHE A 414 12.09 -29.95 -49.94
CA PHE A 414 12.55 -31.22 -50.46
C PHE A 414 11.75 -32.40 -49.90
N GLU A 415 11.41 -32.36 -48.62
CA GLU A 415 10.79 -33.50 -47.96
C GLU A 415 9.29 -33.54 -48.19
N GLU A 416 8.67 -32.39 -48.44
CA GLU A 416 7.22 -32.28 -48.42
C GLU A 416 6.65 -31.47 -49.58
N TRP A 417 6.97 -30.19 -49.65
CA TRP A 417 6.24 -29.33 -50.55
C TRP A 417 6.40 -29.71 -52.02
N GLY A 418 7.55 -30.29 -52.37
CA GLY A 418 7.92 -30.48 -53.78
C GLY A 418 8.02 -29.14 -54.48
N SER A 419 8.07 -29.17 -55.81
CA SER A 419 8.36 -27.96 -56.61
C SER A 419 7.17 -26.99 -56.76
N GLN A 420 6.06 -27.26 -56.08
CA GLN A 420 5.06 -26.20 -56.00
C GLN A 420 5.61 -24.92 -55.30
N VAL A 421 6.54 -25.12 -54.38
CA VAL A 421 7.21 -24.04 -53.67
C VAL A 421 8.68 -23.86 -54.10
N THR A 422 9.00 -22.66 -54.59
CA THR A 422 10.38 -22.24 -54.86
C THR A 422 10.92 -21.44 -53.67
N VAL A 423 11.85 -22.04 -52.92
CA VAL A 423 12.45 -21.35 -51.78
C VAL A 423 13.52 -20.38 -52.25
N VAL A 424 13.36 -19.10 -51.90
CA VAL A 424 14.35 -18.08 -52.28
C VAL A 424 15.05 -17.49 -51.05
N SER A 425 16.36 -17.68 -51.01
CA SER A 425 17.16 -17.14 -49.93
C SER A 425 17.71 -15.80 -50.37
N SER A 426 16.97 -14.72 -50.08
CA SER A 426 17.47 -13.34 -50.26
C SER A 426 16.56 -12.30 -49.58
N ASP A 427 17.01 -11.06 -49.62
CA ASP A 427 16.23 -9.97 -49.12
C ASP A 427 15.16 -9.61 -50.14
N MET A 428 13.93 -9.39 -49.69
CA MET A 428 12.86 -9.05 -50.63
C MET A 428 13.09 -7.74 -51.37
N ARG A 429 13.90 -6.83 -50.81
CA ARG A 429 14.24 -5.56 -51.51
C ARG A 429 15.24 -5.76 -52.63
N GLU A 430 15.87 -6.93 -52.66
CA GLU A 430 16.98 -7.21 -53.56
C GLU A 430 16.60 -8.20 -54.65
N TRP A 431 15.91 -9.27 -54.23
CA TRP A 431 15.48 -10.34 -55.12
C TRP A 431 15.00 -9.85 -56.47
N VAL A 432 15.61 -10.37 -57.54
CA VAL A 432 15.14 -10.09 -58.87
C VAL A 432 14.23 -11.26 -59.20
N ALA A 433 12.93 -10.98 -59.28
CA ALA A 433 11.92 -12.02 -59.39
C ALA A 433 11.73 -12.50 -60.84
N PRO A 434 11.69 -13.82 -61.06
CA PRO A 434 11.57 -14.34 -62.43
C PRO A 434 10.23 -14.01 -63.09
N GLU A 435 9.24 -13.60 -62.29
CA GLU A 435 7.89 -13.26 -62.74
C GLU A 435 7.19 -12.40 -61.69
N LYS A 436 6.14 -11.69 -62.09
CA LYS A 436 5.34 -10.87 -61.17
C LYS A 436 4.31 -11.72 -60.38
N ALA A 437 3.86 -11.22 -59.24
CA ALA A 437 2.95 -12.00 -58.38
C ALA A 437 1.52 -11.50 -58.43
N ASP A 438 0.60 -12.44 -58.21
CA ASP A 438 -0.82 -12.13 -58.06
C ASP A 438 -1.10 -11.59 -56.66
N ILE A 439 -0.37 -12.14 -55.68
CA ILE A 439 -0.55 -11.86 -54.28
C ILE A 439 0.77 -12.08 -53.57
N ILE A 440 1.16 -11.08 -52.79
CA ILE A 440 2.24 -11.23 -51.84
C ILE A 440 1.64 -11.38 -50.43
N VAL A 441 2.22 -12.28 -49.65
CA VAL A 441 1.79 -12.49 -48.29
C VAL A 441 2.99 -12.17 -47.39
N SER A 442 2.76 -11.39 -46.34
CA SER A 442 3.86 -11.07 -45.41
C SER A 442 3.34 -10.89 -44.04
N GLU A 443 4.18 -11.18 -43.06
CA GLU A 443 3.91 -10.87 -41.67
C GLU A 443 5.15 -10.17 -41.07
N LEU A 444 5.25 -8.87 -41.31
CA LEU A 444 6.47 -8.15 -40.94
C LEU A 444 6.18 -7.06 -39.93
N LEU A 445 5.24 -7.36 -39.04
CA LEU A 445 4.58 -6.35 -38.27
C LEU A 445 4.99 -6.44 -36.83
N GLY A 446 5.22 -5.28 -36.22
CA GLY A 446 5.58 -5.21 -34.81
C GLY A 446 4.43 -4.68 -34.01
N SER A 447 4.60 -4.55 -32.70
CA SER A 447 3.48 -4.21 -31.82
C SER A 447 2.93 -2.83 -32.12
N PHE A 448 3.67 -2.04 -32.88
CA PHE A 448 3.25 -0.69 -33.23
C PHE A 448 3.06 -0.61 -34.75
N ALA A 449 2.70 -1.76 -35.32
CA ALA A 449 2.48 -1.96 -36.76
C ALA A 449 3.75 -1.89 -37.58
N ASP A 450 4.22 -0.66 -37.81
CA ASP A 450 5.25 -0.41 -38.79
C ASP A 450 6.65 -0.36 -38.21
N ASN A 451 6.79 -0.67 -36.93
CA ASN A 451 8.05 -0.53 -36.23
C ASN A 451 9.05 -1.64 -36.54
N GLU A 452 8.64 -2.60 -37.37
CA GLU A 452 9.60 -3.58 -37.90
C GLU A 452 9.92 -3.30 -39.34
N LEU A 453 9.47 -2.17 -39.85
CA LEU A 453 9.84 -1.75 -41.19
C LEU A 453 9.13 -2.51 -42.32
N SER A 454 7.96 -3.08 -42.00
CA SER A 454 7.07 -3.62 -43.02
C SER A 454 6.84 -2.67 -44.21
N PRO A 455 6.67 -1.36 -43.99
CA PRO A 455 6.55 -0.48 -45.17
C PRO A 455 7.71 -0.52 -46.11
N GLU A 456 8.94 -0.45 -45.58
CA GLU A 456 10.13 -0.29 -46.41
C GLU A 456 10.37 -1.61 -47.12
N CYS A 457 10.14 -2.69 -46.39
CA CYS A 457 10.32 -4.02 -46.95
C CYS A 457 9.37 -4.22 -48.14
N LEU A 458 8.08 -4.00 -47.92
CA LEU A 458 7.10 -4.25 -48.96
C LEU A 458 7.23 -3.26 -50.13
N ASP A 459 7.62 -2.02 -49.85
CA ASP A 459 7.84 -1.02 -50.89
C ASP A 459 8.89 -1.50 -51.88
N GLY A 460 9.93 -2.13 -51.37
CA GLY A 460 11.06 -2.54 -52.18
C GLY A 460 10.79 -3.86 -52.89
N ALA A 461 9.60 -4.41 -52.66
CA ALA A 461 9.20 -5.69 -53.22
C ALA A 461 8.11 -5.45 -54.26
N GLN A 462 7.30 -4.42 -54.04
CA GLN A 462 6.08 -4.28 -54.81
C GLN A 462 6.27 -4.22 -56.34
N HIS A 463 7.44 -3.78 -56.79
CA HIS A 463 7.76 -3.75 -58.23
C HIS A 463 7.55 -5.11 -58.91
N PHE A 464 7.50 -6.19 -58.13
CA PHE A 464 7.17 -7.51 -58.69
C PHE A 464 5.78 -8.03 -58.32
N LEU A 465 4.90 -7.11 -57.92
CA LEU A 465 3.49 -7.38 -57.78
C LEU A 465 2.80 -6.93 -59.07
N LYS A 466 1.93 -7.78 -59.62
CA LYS A 466 1.21 -7.43 -60.85
C LYS A 466 0.34 -6.19 -60.64
N ASP A 467 0.01 -5.49 -61.72
CA ASP A 467 -0.68 -4.19 -61.64
C ASP A 467 -1.99 -4.22 -60.84
N ASP A 468 -2.67 -5.36 -60.89
CA ASP A 468 -3.91 -5.60 -60.16
C ASP A 468 -3.62 -6.46 -58.92
N GLY A 469 -2.36 -6.52 -58.51
CA GLY A 469 -1.93 -7.44 -57.44
C GLY A 469 -2.48 -7.09 -56.07
N VAL A 470 -2.60 -8.11 -55.23
CA VAL A 470 -3.06 -7.93 -53.86
C VAL A 470 -1.89 -8.15 -52.89
N SER A 471 -1.78 -7.25 -51.91
CA SER A 471 -0.90 -7.48 -50.78
C SER A 471 -1.74 -7.92 -49.60
N ILE A 472 -1.32 -9.01 -48.97
CA ILE A 472 -1.85 -9.37 -47.69
C ILE A 472 -0.70 -9.30 -46.66
N PRO A 473 -0.77 -8.32 -45.74
CA PRO A 473 -1.85 -7.39 -45.41
C PRO A 473 -2.01 -6.28 -46.41
N GLY A 474 -3.23 -5.74 -46.48
CA GLY A 474 -3.47 -4.56 -47.33
C GLY A 474 -3.23 -3.25 -46.59
N GLU A 475 -3.35 -3.30 -45.27
CA GLU A 475 -3.36 -2.08 -44.49
C GLU A 475 -3.02 -2.36 -43.06
N TYR A 476 -2.35 -1.40 -42.43
CA TYR A 476 -2.18 -1.42 -40.97
C TYR A 476 -2.18 -0.02 -40.35
N THR A 477 -2.62 0.04 -39.09
CA THR A 477 -2.75 1.31 -38.38
C THR A 477 -2.24 1.18 -36.94
N SER A 478 -1.43 2.14 -36.47
CA SER A 478 -0.96 2.13 -35.08
C SER A 478 -1.86 2.98 -34.20
N PHE A 479 -1.78 2.76 -32.90
CA PHE A 479 -2.60 3.48 -31.95
C PHE A 479 -1.80 3.79 -30.72
N LEU A 480 -2.18 4.87 -30.03
CA LEU A 480 -1.52 5.25 -28.80
C LEU A 480 -2.58 5.60 -27.81
N ALA A 481 -2.29 5.34 -26.53
CA ALA A 481 -3.09 5.80 -25.41
C ALA A 481 -2.12 6.23 -24.30
N PRO A 482 -2.39 7.35 -23.60
CA PRO A 482 -1.49 7.69 -22.51
C PRO A 482 -1.74 6.79 -21.30
N ILE A 483 -0.70 6.51 -20.51
CA ILE A 483 -0.86 5.69 -19.35
C ILE A 483 -0.21 6.28 -18.12
N SER A 484 -0.80 5.96 -16.97
CA SER A 484 -0.13 6.13 -15.71
C SER A 484 0.44 4.80 -15.27
N SER A 485 1.70 4.80 -14.85
CA SER A 485 2.22 3.66 -14.11
C SER A 485 3.56 3.99 -13.58
N SER A 486 3.61 4.11 -12.27
CA SER A 486 4.87 4.39 -11.62
C SER A 486 5.71 3.13 -11.57
N LYS A 487 5.05 1.98 -11.55
CA LYS A 487 5.79 0.70 -11.61
C LYS A 487 6.67 0.65 -12.87
N LEU A 488 6.05 0.88 -14.04
CA LEU A 488 6.74 0.83 -15.33
C LEU A 488 7.73 1.98 -15.54
N TYR A 489 7.33 3.18 -15.14
CA TYR A 489 8.27 4.29 -15.08
C TYR A 489 9.54 3.81 -14.39
N ASN A 490 9.36 3.12 -13.27
CA ASN A 490 10.50 2.71 -12.46
C ASN A 490 11.30 1.58 -13.08
N GLU A 491 10.60 0.69 -13.77
CA GLU A 491 11.23 -0.34 -14.55
C GLU A 491 12.08 0.25 -15.69
N VAL A 492 11.57 1.28 -16.36
CA VAL A 492 12.36 1.91 -17.44
C VAL A 492 13.60 2.55 -16.84
N ARG A 493 13.39 3.38 -15.82
CA ARG A 493 14.48 4.10 -15.15
C ARG A 493 15.58 3.12 -14.77
N ALA A 494 15.18 1.92 -14.39
CA ALA A 494 16.16 0.94 -13.91
C ALA A 494 16.97 0.37 -15.06
N CYS A 495 16.68 0.77 -16.29
CA CYS A 495 17.41 0.27 -17.47
C CYS A 495 18.61 1.11 -17.88
N ARG A 496 19.08 2.00 -17.01
CA ARG A 496 20.32 2.72 -17.28
C ARG A 496 21.49 1.74 -17.44
N GLU A 497 22.27 1.90 -18.50
CA GLU A 497 23.52 1.15 -18.70
C GLU A 497 24.75 2.07 -18.67
N LYS A 498 25.90 1.48 -18.34
CA LYS A 498 27.16 2.18 -18.43
C LYS A 498 27.45 2.47 -19.92
N ASP A 499 28.34 3.42 -20.16
CA ASP A 499 28.85 3.68 -21.52
C ASP A 499 27.83 4.15 -22.54
N ARG A 500 26.77 4.78 -22.08
CA ARG A 500 25.81 5.41 -22.98
C ARG A 500 25.08 6.50 -22.20
N ASP A 501 24.38 7.38 -22.92
CA ASP A 501 23.56 8.43 -22.34
C ASP A 501 22.78 7.89 -21.16
N PRO A 502 22.89 8.57 -19.98
CA PRO A 502 22.23 8.15 -18.74
C PRO A 502 20.72 8.20 -18.78
N GLU A 503 20.17 8.75 -19.88
CA GLU A 503 18.74 8.89 -20.03
C GLU A 503 18.30 8.19 -21.31
N ALA A 504 19.24 7.57 -22.03
CA ALA A 504 18.87 6.80 -23.21
C ALA A 504 17.70 5.81 -22.98
N GLN A 505 17.64 5.14 -21.81
CA GLN A 505 16.55 4.16 -21.48
C GLN A 505 15.20 4.74 -21.90
N PHE A 506 15.07 6.06 -21.74
CA PHE A 506 13.77 6.70 -21.85
C PHE A 506 13.43 7.09 -23.27
N GLU A 507 14.35 6.86 -24.19
CA GLU A 507 14.15 7.29 -25.55
C GLU A 507 14.04 6.11 -26.51
N MET A 508 13.40 5.02 -26.06
CA MET A 508 13.20 3.86 -26.88
C MET A 508 11.94 3.13 -26.43
N PRO A 509 11.23 2.47 -27.36
CA PRO A 509 9.99 1.79 -27.05
C PRO A 509 10.24 0.35 -26.57
N TYR A 510 9.44 -0.10 -25.60
CA TYR A 510 9.58 -1.46 -25.09
C TYR A 510 8.33 -2.24 -25.41
N VAL A 511 8.52 -3.44 -25.94
CA VAL A 511 7.46 -4.44 -25.96
C VAL A 511 7.32 -4.92 -24.53
N VAL A 512 6.11 -4.87 -24.00
CA VAL A 512 5.87 -5.18 -22.60
C VAL A 512 4.42 -5.58 -22.47
N ARG A 513 4.12 -6.61 -21.67
CA ARG A 513 2.74 -6.93 -21.30
C ARG A 513 2.31 -6.00 -20.18
N LEU A 514 1.76 -4.85 -20.56
CA LEU A 514 1.35 -3.86 -19.59
C LEU A 514 0.41 -4.48 -18.54
N HIS A 515 0.82 -4.45 -17.27
CA HIS A 515 0.01 -5.04 -16.23
C HIS A 515 -0.38 -4.07 -15.09
N ASN A 516 0.57 -3.64 -14.28
CA ASN A 516 0.29 -2.68 -13.22
C ASN A 516 0.36 -1.26 -13.81
N PHE A 517 -0.75 -0.82 -14.41
CA PHE A 517 -0.79 0.49 -15.06
C PHE A 517 -2.22 1.02 -15.09
N HIS A 518 -2.36 2.30 -15.39
CA HIS A 518 -3.67 2.89 -15.60
C HIS A 518 -3.68 3.56 -16.96
N GLN A 519 -4.68 3.20 -17.77
CA GLN A 519 -4.83 3.83 -19.07
C GLN A 519 -5.67 5.08 -18.97
N LEU A 520 -5.03 6.21 -19.32
CA LEU A 520 -5.60 7.53 -19.06
C LEU A 520 -6.63 8.02 -20.08
N SER A 521 -6.61 7.46 -21.30
CA SER A 521 -7.57 7.86 -22.35
C SER A 521 -7.73 6.76 -23.41
N ALA A 522 -8.81 6.82 -24.19
CA ALA A 522 -9.04 5.81 -25.24
C ALA A 522 -7.92 5.90 -26.29
N PRO A 523 -7.46 4.73 -26.81
CA PRO A 523 -6.42 4.76 -27.87
C PRO A 523 -6.88 5.55 -29.05
N GLN A 524 -5.94 6.20 -29.76
CA GLN A 524 -6.32 6.90 -30.99
C GLN A 524 -5.37 6.51 -32.11
N PRO A 525 -5.85 6.50 -33.37
CA PRO A 525 -5.03 6.07 -34.47
C PRO A 525 -3.83 6.97 -34.59
N CYS A 526 -2.68 6.41 -34.99
CA CYS A 526 -1.47 7.19 -35.08
C CYS A 526 -0.98 7.23 -36.54
N PHE A 527 -0.28 6.18 -36.98
CA PHE A 527 0.23 6.11 -38.35
C PHE A 527 -0.46 5.01 -39.10
N THR A 528 -0.63 5.23 -40.40
N THR A 528 -0.67 5.24 -40.39
CA THR A 528 -1.29 4.26 -41.25
CA THR A 528 -1.29 4.21 -41.22
C THR A 528 -0.54 4.04 -42.56
C THR A 528 -0.58 4.02 -42.56
N PHE A 529 -0.41 2.76 -42.95
CA PHE A 529 0.20 2.40 -44.24
C PHE A 529 -0.73 1.49 -45.03
N SER A 530 -0.69 1.64 -46.35
CA SER A 530 -1.46 0.83 -47.29
C SER A 530 -0.55 0.11 -48.28
N HIS A 531 -0.92 -1.10 -48.68
CA HIS A 531 -0.10 -1.86 -49.63
C HIS A 531 -0.94 -2.52 -50.72
N PRO A 532 -0.52 -2.41 -51.99
CA PRO A 532 0.61 -1.66 -52.51
C PRO A 532 0.44 -0.16 -52.34
N ASN A 533 1.52 0.57 -52.52
CA ASN A 533 1.52 2.01 -52.34
C ASN A 533 1.53 2.71 -53.68
N ARG A 534 0.37 3.23 -54.06
CA ARG A 534 0.17 3.87 -55.36
C ARG A 534 0.63 5.34 -55.44
N ASP A 535 1.28 5.83 -54.37
CA ASP A 535 1.85 7.18 -54.34
C ASP A 535 2.91 7.39 -55.42
N PRO A 536 2.83 8.52 -56.16
CA PRO A 536 3.84 8.78 -57.21
C PRO A 536 5.22 8.90 -56.58
N MET A 537 5.29 9.70 -55.51
CA MET A 537 6.44 9.76 -54.63
C MET A 537 6.04 9.05 -53.34
N ILE A 538 6.75 7.97 -53.02
CA ILE A 538 6.49 7.27 -51.78
C ILE A 538 7.24 7.96 -50.64
N ASP A 539 6.50 8.45 -49.64
CA ASP A 539 7.12 8.90 -48.39
C ASP A 539 6.60 8.19 -47.10
N ASN A 540 7.49 7.46 -46.45
CA ASN A 540 7.10 6.74 -45.23
C ASN A 540 7.20 7.49 -43.93
N ASN A 541 7.82 8.68 -43.95
CA ASN A 541 7.87 9.55 -42.79
C ASN A 541 6.50 10.08 -42.41
N ARG A 542 6.34 10.42 -41.14
CA ARG A 542 5.04 10.84 -40.67
C ARG A 542 5.21 11.79 -39.53
N TYR A 543 4.21 12.65 -39.35
CA TYR A 543 4.08 13.53 -38.22
C TYR A 543 2.60 13.46 -37.85
N CYS A 544 2.28 13.23 -36.59
CA CYS A 544 0.87 13.19 -36.20
C CYS A 544 0.65 13.81 -34.82
N THR A 545 -0.49 14.45 -34.60
CA THR A 545 -0.75 15.17 -33.35
C THR A 545 -1.99 14.65 -32.66
N LEU A 546 -1.84 14.09 -31.46
CA LEU A 546 -3.01 13.49 -30.79
C LEU A 546 -3.42 14.23 -29.53
N GLU A 547 -4.73 14.38 -29.38
CA GLU A 547 -5.30 15.04 -28.22
C GLU A 547 -6.13 14.07 -27.40
N PHE A 548 -5.65 13.81 -26.19
CA PHE A 548 -6.25 12.86 -25.27
C PHE A 548 -7.01 13.55 -24.15
N PRO A 549 -8.35 13.54 -24.23
CA PRO A 549 -9.15 14.08 -23.13
C PRO A 549 -9.01 13.18 -21.94
N VAL A 550 -8.60 13.75 -20.82
CA VAL A 550 -8.37 13.02 -19.58
C VAL A 550 -9.31 13.55 -18.50
N GLU A 551 -9.92 12.64 -17.74
CA GLU A 551 -10.91 13.03 -16.74
C GLU A 551 -10.70 12.45 -15.33
N VAL A 552 -9.45 12.16 -14.97
CA VAL A 552 -9.09 12.02 -13.55
C VAL A 552 -7.83 12.83 -13.35
N ASN A 553 -7.40 12.99 -12.11
CA ASN A 553 -6.08 13.54 -11.87
C ASN A 553 -5.16 12.36 -11.89
N THR A 554 -3.88 12.59 -12.18
CA THR A 554 -2.91 11.52 -12.34
C THR A 554 -1.53 12.01 -12.76
N VAL A 555 -0.65 11.06 -13.05
CA VAL A 555 0.67 11.34 -13.59
C VAL A 555 0.99 10.49 -14.82
N LEU A 556 1.29 11.16 -15.93
CA LEU A 556 1.66 10.51 -17.19
C LEU A 556 3.06 10.00 -17.13
N HIS A 557 3.24 8.74 -17.48
CA HIS A 557 4.55 8.09 -17.45
C HIS A 557 4.92 7.56 -18.84
N GLY A 558 3.95 7.47 -19.73
CA GLY A 558 4.22 6.94 -21.05
C GLY A 558 3.01 6.73 -21.92
N PHE A 559 3.25 6.13 -23.07
CA PHE A 559 2.23 5.84 -24.06
C PHE A 559 2.32 4.39 -24.45
N ALA A 560 1.24 3.65 -24.17
CA ALA A 560 1.00 2.33 -24.76
C ALA A 560 0.74 2.48 -26.25
N GLY A 561 1.43 1.68 -27.06
CA GLY A 561 1.03 1.54 -28.47
C GLY A 561 0.43 0.17 -28.79
N TYR A 562 -0.46 0.14 -29.78
CA TYR A 562 -1.07 -1.09 -30.25
C TYR A 562 -1.21 -0.92 -31.76
N PHE A 563 -1.78 -1.93 -32.41
CA PHE A 563 -2.02 -1.78 -33.84
C PHE A 563 -3.22 -2.58 -34.31
N GLU A 564 -3.70 -2.22 -35.50
CA GLU A 564 -4.69 -3.01 -36.23
C GLU A 564 -4.21 -3.16 -37.67
N THR A 565 -4.57 -4.28 -38.29
CA THR A 565 -4.26 -4.50 -39.68
C THR A 565 -5.39 -5.24 -40.41
N VAL A 566 -5.65 -4.79 -41.64
CA VAL A 566 -6.54 -5.48 -42.55
C VAL A 566 -5.66 -6.42 -43.35
N LEU A 567 -5.81 -7.70 -43.04
CA LEU A 567 -5.21 -8.77 -43.81
C LEU A 567 -5.84 -8.82 -45.21
N TYR A 568 -7.15 -9.07 -45.24
CA TYR A 568 -7.98 -9.03 -46.47
C TYR A 568 -9.46 -8.75 -46.18
N GLN A 569 -9.95 -7.63 -46.69
CA GLN A 569 -11.36 -7.26 -46.53
C GLN A 569 -11.79 -7.13 -45.07
N ASP A 570 -12.56 -8.11 -44.58
CA ASP A 570 -13.05 -8.09 -43.20
C ASP A 570 -12.21 -8.94 -42.30
N ILE A 571 -11.20 -9.59 -42.86
CA ILE A 571 -10.36 -10.43 -42.04
C ILE A 571 -9.23 -9.57 -41.48
N THR A 572 -9.19 -9.48 -40.16
CA THR A 572 -8.25 -8.58 -39.47
C THR A 572 -7.49 -9.23 -38.35
N LEU A 573 -6.44 -8.55 -37.94
CA LEU A 573 -5.73 -8.85 -36.71
C LEU A 573 -5.65 -7.56 -35.90
N SER A 574 -5.77 -7.71 -34.58
CA SER A 574 -5.74 -6.56 -33.70
C SER A 574 -5.24 -6.88 -32.29
N ILE A 575 -4.42 -5.97 -31.74
CA ILE A 575 -4.08 -5.97 -30.32
C ILE A 575 -4.56 -4.71 -29.61
N ARG A 576 -5.37 -3.91 -30.30
CA ARG A 576 -5.99 -2.78 -29.66
C ARG A 576 -7.06 -3.33 -28.75
N PRO A 577 -6.98 -3.08 -27.43
CA PRO A 577 -7.89 -3.74 -26.48
C PRO A 577 -9.37 -3.74 -26.90
N GLU A 578 -9.91 -2.63 -27.40
CA GLU A 578 -11.35 -2.60 -27.77
C GLU A 578 -11.77 -3.61 -28.86
N THR A 579 -10.81 -4.17 -29.58
CA THR A 579 -11.08 -5.00 -30.77
C THR A 579 -10.02 -6.09 -30.85
N HIS A 580 -9.43 -6.42 -29.71
CA HIS A 580 -8.35 -7.43 -29.62
C HIS A 580 -8.84 -8.73 -30.28
N SER A 581 -7.96 -9.39 -31.05
CA SER A 581 -8.27 -10.70 -31.63
C SER A 581 -8.23 -11.71 -30.51
N PRO A 582 -9.33 -12.46 -30.33
CA PRO A 582 -9.36 -13.34 -29.15
C PRO A 582 -8.33 -14.47 -29.26
N GLY A 583 -7.62 -14.73 -28.17
CA GLY A 583 -6.63 -15.80 -28.14
C GLY A 583 -5.27 -15.51 -28.74
N MET A 584 -5.15 -14.41 -29.50
CA MET A 584 -3.88 -14.09 -30.15
C MET A 584 -2.88 -13.54 -29.15
N PHE A 585 -1.80 -14.27 -28.93
CA PHE A 585 -0.78 -13.88 -27.97
C PHE A 585 0.52 -13.37 -28.62
N SER A 586 0.55 -13.31 -29.94
CA SER A 586 1.77 -13.06 -30.71
C SER A 586 2.40 -11.67 -30.50
N TRP A 587 1.59 -10.65 -30.19
CA TRP A 587 2.09 -9.33 -29.87
C TRP A 587 1.62 -8.85 -28.52
N PHE A 588 2.57 -8.47 -27.68
CA PHE A 588 2.27 -7.66 -26.52
C PHE A 588 2.20 -6.19 -26.96
N PRO A 589 1.57 -5.33 -26.14
CA PRO A 589 1.64 -3.89 -26.33
C PRO A 589 3.07 -3.34 -26.33
N ILE A 590 3.24 -2.12 -26.85
CA ILE A 590 4.52 -1.45 -26.83
C ILE A 590 4.48 -0.23 -25.87
N LEU A 591 5.61 0.09 -25.26
CA LEU A 591 5.64 1.24 -24.37
C LEU A 591 6.59 2.32 -24.86
N PHE A 592 6.03 3.50 -25.01
CA PHE A 592 6.86 4.68 -25.22
C PHE A 592 6.90 5.42 -23.88
N PRO A 593 8.06 5.44 -23.21
CA PRO A 593 8.27 6.18 -21.97
C PRO A 593 8.43 7.67 -22.26
N ILE A 594 8.32 8.50 -21.22
CA ILE A 594 8.83 9.88 -21.23
C ILE A 594 9.82 10.13 -20.05
N LYS A 595 10.87 10.93 -20.28
CA LYS A 595 11.92 11.20 -19.29
C LYS A 595 11.41 11.65 -17.92
N GLN A 596 10.43 12.56 -17.93
CA GLN A 596 9.90 13.10 -16.70
C GLN A 596 8.41 12.88 -16.63
N PRO A 597 7.93 12.32 -15.51
CA PRO A 597 6.50 12.20 -15.20
C PRO A 597 5.87 13.58 -15.37
N ILE A 598 4.64 13.63 -15.86
CA ILE A 598 3.96 14.91 -15.98
C ILE A 598 2.62 14.80 -15.29
N THR A 599 2.32 15.76 -14.43
CA THR A 599 1.06 15.81 -13.70
C THR A 599 -0.05 16.31 -14.60
N VAL A 600 -1.12 15.53 -14.70
CA VAL A 600 -2.29 15.95 -15.46
C VAL A 600 -3.46 16.06 -14.48
N ARG A 601 -4.28 17.08 -14.65
CA ARG A 601 -5.48 17.28 -13.85
C ARG A 601 -6.75 16.91 -14.60
N GLU A 602 -7.74 16.47 -13.84
CA GLU A 602 -9.03 16.15 -14.38
C GLU A 602 -9.52 17.31 -15.23
N GLY A 603 -10.05 16.99 -16.40
CA GLY A 603 -10.56 18.00 -17.34
C GLY A 603 -9.54 18.43 -18.40
N GLN A 604 -8.25 18.23 -18.12
CA GLN A 604 -7.19 18.57 -19.07
C GLN A 604 -7.05 17.65 -20.28
N THR A 605 -6.45 18.19 -21.34
CA THR A 605 -6.09 17.41 -22.50
C THR A 605 -4.60 17.09 -22.47
N ILE A 606 -4.25 15.84 -22.73
CA ILE A 606 -2.85 15.50 -22.98
C ILE A 606 -2.68 15.59 -24.47
N CYS A 607 -1.74 16.43 -24.90
CA CYS A 607 -1.35 16.50 -26.30
C CYS A 607 0.00 15.86 -26.48
N VAL A 608 0.09 14.94 -27.43
CA VAL A 608 1.35 14.30 -27.74
C VAL A 608 1.61 14.42 -29.25
N ARG A 609 2.84 14.20 -29.67
CA ARG A 609 3.21 14.37 -31.06
C ARG A 609 4.16 13.29 -31.34
N PHE A 610 3.91 12.55 -32.41
CA PHE A 610 4.81 11.49 -32.81
C PHE A 610 5.29 11.73 -34.21
N TRP A 611 6.59 11.49 -34.42
CA TRP A 611 7.13 11.48 -35.77
C TRP A 611 7.72 10.14 -36.12
N ARG A 612 7.51 9.71 -37.37
CA ARG A 612 8.27 8.57 -37.86
C ARG A 612 9.28 9.15 -38.82
N CYS A 613 10.56 8.81 -38.62
CA CYS A 613 11.70 9.41 -39.29
C CYS A 613 12.57 8.38 -39.99
N SER A 614 13.38 8.85 -40.94
CA SER A 614 14.27 7.95 -41.67
C SER A 614 15.46 8.51 -42.41
N ASN A 615 16.41 7.60 -42.61
CA ASN A 615 17.62 7.70 -43.39
C ASN A 615 17.45 6.66 -44.46
N SER A 616 18.44 6.60 -45.35
CA SER A 616 18.59 5.42 -46.18
C SER A 616 19.13 4.24 -45.35
N LYS A 617 19.51 4.50 -44.10
CA LYS A 617 20.11 3.46 -43.26
C LYS A 617 19.22 2.98 -42.13
N LYS A 618 18.37 3.89 -41.62
CA LYS A 618 17.57 3.57 -40.43
C LYS A 618 16.26 4.33 -40.35
N VAL A 619 15.38 3.83 -39.48
CA VAL A 619 14.04 4.39 -39.27
C VAL A 619 13.88 4.50 -37.76
N TRP A 620 13.23 5.55 -37.28
CA TRP A 620 13.07 5.74 -35.83
C TRP A 620 11.88 6.60 -35.55
N TYR A 621 11.42 6.61 -34.29
CA TYR A 621 10.36 7.50 -33.86
C TYR A 621 10.95 8.62 -32.98
N GLU A 622 10.29 9.76 -32.97
CA GLU A 622 10.61 10.83 -32.03
C GLU A 622 9.25 11.24 -31.53
N TRP A 623 9.14 11.61 -30.26
CA TRP A 623 7.84 12.01 -29.72
C TRP A 623 7.99 13.13 -28.71
N ALA A 624 6.95 13.95 -28.52
CA ALA A 624 6.95 14.93 -27.43
C ALA A 624 5.53 15.16 -26.95
N VAL A 625 5.40 15.55 -25.69
CA VAL A 625 4.14 15.97 -25.13
C VAL A 625 4.15 17.49 -25.16
N THR A 626 3.06 18.08 -25.63
CA THR A 626 3.01 19.52 -25.69
C THR A 626 1.91 20.10 -24.80
N ALA A 627 1.13 19.23 -24.16
CA ALA A 627 0.06 19.66 -23.23
C ALA A 627 -0.25 18.52 -22.25
N PRO A 628 -0.55 18.84 -20.97
CA PRO A 628 -0.86 20.20 -20.50
C PRO A 628 0.38 21.00 -20.26
N VAL A 629 1.53 20.35 -20.39
CA VAL A 629 2.84 20.94 -20.21
C VAL A 629 3.72 20.28 -21.28
N CYS A 630 4.90 20.85 -21.57
CA CYS A 630 5.76 20.30 -22.61
C CYS A 630 6.81 19.38 -22.03
N SER A 631 7.23 18.41 -22.84
CA SER A 631 8.45 17.65 -22.54
C SER A 631 9.55 17.99 -23.53
N ALA A 632 10.74 17.49 -23.25
CA ALA A 632 11.77 17.41 -24.24
C ALA A 632 11.31 16.53 -25.39
N ILE A 633 11.77 16.86 -26.59
CA ILE A 633 11.63 15.98 -27.73
C ILE A 633 12.45 14.71 -27.43
N HIS A 634 11.81 13.55 -27.54
CA HIS A 634 12.50 12.29 -27.27
C HIS A 634 13.13 11.67 -28.49
N ASN A 635 14.29 11.09 -28.30
CA ASN A 635 15.03 10.46 -29.41
C ASN A 635 15.36 11.37 -30.65
N PRO A 636 15.65 12.65 -30.43
CA PRO A 636 16.02 13.50 -31.57
C PRO A 636 17.11 12.87 -32.37
N THR A 637 16.91 12.61 -33.67
CA THR A 637 18.01 12.08 -34.50
C THR A 637 18.22 10.55 -34.42
N GLY A 638 17.44 9.85 -33.61
CA GLY A 638 17.70 8.43 -33.39
C GLY A 638 18.96 8.26 -32.58
N ARG A 639 19.20 9.19 -31.67
CA ARG A 639 20.44 9.18 -30.91
C ARG A 639 20.44 8.02 -29.91
N SER A 640 19.25 7.61 -29.45
CA SER A 640 19.13 6.52 -28.47
C SER A 640 18.60 5.21 -29.03
N TYR A 641 17.89 5.26 -30.16
CA TYR A 641 17.28 4.07 -30.77
C TYR A 641 16.91 4.34 -32.21
N THR A 642 17.32 3.42 -33.09
CA THR A 642 16.88 3.31 -34.49
C THR A 642 16.62 1.83 -34.84
N ILE A 643 15.95 1.62 -35.97
CA ILE A 643 15.76 0.29 -36.53
C ILE A 643 16.54 0.28 -37.84
N GLY A 644 17.43 -0.69 -37.99
CA GLY A 644 18.28 -0.72 -39.18
C GLY A 644 17.58 -1.17 -40.45
N LEU A 645 17.83 -0.42 -41.54
CA LEU A 645 17.42 -0.79 -42.90
C LEU A 645 18.37 -1.73 -43.62
N LEU B 27 5.94 -14.34 49.25
CA LEU B 27 4.96 -14.21 48.13
C LEU B 27 3.73 -15.10 48.34
N PRO B 28 2.51 -14.51 48.28
CA PRO B 28 1.22 -15.21 48.36
C PRO B 28 1.00 -16.30 47.29
N PRO B 29 -0.07 -17.12 47.43
CA PRO B 29 -0.42 -18.08 46.37
C PRO B 29 -0.89 -17.37 45.09
N ASN B 30 -0.65 -18.00 43.93
CA ASN B 30 -1.06 -17.46 42.62
C ASN B 30 -0.20 -16.27 42.13
N ALA B 31 0.52 -15.65 43.07
CA ALA B 31 1.37 -14.50 42.77
C ALA B 31 2.63 -14.90 42.00
N PRO B 32 3.01 -14.10 40.98
CA PRO B 32 4.26 -14.32 40.28
C PRO B 32 5.47 -14.03 41.19
N ALA B 33 6.56 -14.76 40.98
CA ALA B 33 7.77 -14.63 41.80
C ALA B 33 8.49 -13.30 41.55
N CYS B 34 8.36 -12.78 40.33
CA CYS B 34 9.02 -11.56 39.92
C CYS B 34 8.03 -10.56 39.32
N MET B 35 8.30 -9.27 39.53
CA MET B 35 7.43 -8.22 39.01
C MET B 35 8.02 -7.51 37.80
N GLU B 36 7.23 -7.45 36.71
CA GLU B 36 7.52 -6.68 35.48
C GLU B 36 8.20 -5.33 35.75
N ARG B 37 9.26 -5.03 35.01
CA ARG B 37 10.10 -3.86 35.30
C ARG B 37 9.38 -2.52 35.16
N GLN B 38 8.57 -2.37 34.12
CA GLN B 38 7.97 -1.06 33.82
C GLN B 38 6.66 -0.83 34.56
N LEU B 39 6.75 -0.05 35.63
CA LEU B 39 5.60 0.32 36.43
C LEU B 39 4.78 1.38 35.70
N GLU B 40 3.50 1.06 35.45
CA GLU B 40 2.60 1.91 34.69
C GLU B 40 1.57 2.71 35.51
N ALA B 41 1.15 2.14 36.64
CA ALA B 41 0.03 2.68 37.41
C ALA B 41 0.13 2.45 38.92
N ALA B 42 -0.35 3.43 39.68
CA ALA B 42 -0.37 3.39 41.14
C ALA B 42 -1.61 4.10 41.66
N ARG B 43 -2.48 3.36 42.36
CA ARG B 43 -3.76 3.90 42.87
C ARG B 43 -4.10 3.44 44.29
N TYR B 44 -4.18 4.40 45.20
CA TYR B 44 -4.64 4.13 46.57
C TYR B 44 -6.15 3.90 46.64
N ARG B 45 -6.56 2.78 47.22
CA ARG B 45 -7.94 2.53 47.64
C ARG B 45 -8.25 3.40 48.88
N SER B 46 -9.52 3.61 49.20
CA SER B 46 -9.90 4.47 50.33
C SER B 46 -9.37 3.95 51.68
N ASP B 47 -9.30 2.62 51.82
CA ASP B 47 -8.72 2.00 53.02
C ASP B 47 -7.20 2.22 53.16
N GLY B 48 -6.55 2.70 52.10
CA GLY B 48 -5.13 3.08 52.13
C GLY B 48 -4.14 2.11 51.52
N ALA B 49 -4.65 1.01 50.98
CA ALA B 49 -3.84 -0.02 50.30
C ALA B 49 -3.48 0.38 48.85
N LEU B 50 -2.32 -0.10 48.38
CA LEU B 50 -1.78 0.27 47.06
C LEU B 50 -2.02 -0.75 45.95
N LEU B 51 -2.66 -0.26 44.88
CA LEU B 51 -2.83 -1.00 43.62
C LEU B 51 -1.74 -0.61 42.63
N LEU B 52 -0.98 -1.61 42.19
CA LEU B 52 0.06 -1.44 41.15
C LEU B 52 -0.27 -2.23 39.90
N GLY B 53 -0.11 -1.57 38.74
CA GLY B 53 -0.08 -2.24 37.44
C GLY B 53 1.29 -2.09 36.83
N ALA B 54 1.78 -3.17 36.21
CA ALA B 54 3.10 -3.16 35.58
C ALA B 54 3.14 -4.02 34.30
N SER B 55 3.94 -3.55 33.34
CA SER B 55 4.14 -4.24 32.07
C SER B 55 5.59 -4.63 31.90
N SER B 56 5.80 -5.65 31.08
CA SER B 56 7.13 -5.98 30.57
C SER B 56 7.22 -5.42 29.14
N LEU B 57 7.91 -4.30 28.99
CA LEU B 57 8.02 -3.61 27.70
C LEU B 57 9.26 -3.99 26.88
N SER B 58 10.05 -4.94 27.39
CA SER B 58 11.26 -5.38 26.73
C SER B 58 11.62 -6.82 27.11
N GLY B 59 12.67 -7.37 26.51
CA GLY B 59 13.03 -8.76 26.75
C GLY B 59 12.05 -9.74 26.13
N ARG B 60 12.19 -11.03 26.46
CA ARG B 60 11.50 -12.10 25.75
C ARG B 60 9.97 -12.01 25.82
N CYS B 61 9.45 -11.76 27.01
CA CYS B 61 8.03 -11.86 27.23
C CYS B 61 7.44 -10.47 27.42
N TRP B 62 6.46 -10.10 26.59
CA TRP B 62 5.86 -8.78 26.73
C TRP B 62 4.51 -8.92 27.40
N ALA B 63 4.53 -8.83 28.72
CA ALA B 63 3.33 -9.15 29.47
C ALA B 63 3.04 -8.07 30.50
N GLY B 64 2.19 -8.43 31.45
CA GLY B 64 1.73 -7.52 32.49
C GLY B 64 1.17 -8.23 33.69
N SER B 65 1.08 -7.49 34.78
CA SER B 65 0.74 -8.02 36.07
C SER B 65 0.02 -6.99 36.93
N LEU B 66 -0.77 -7.51 37.87
CA LEU B 66 -1.50 -6.66 38.80
C LEU B 66 -1.12 -7.04 40.25
N TRP B 67 -1.01 -6.02 41.11
CA TRP B 67 -0.52 -6.18 42.48
C TRP B 67 -1.32 -5.36 43.49
N LEU B 68 -1.56 -5.95 44.67
CA LEU B 68 -2.14 -5.25 45.82
C LEU B 68 -1.22 -5.24 47.03
N PHE B 69 -0.95 -4.04 47.55
CA PHE B 69 -0.06 -3.83 48.68
C PHE B 69 -0.78 -3.15 49.85
N LYS B 70 -1.19 -3.96 50.84
CA LYS B 70 -1.82 -3.42 52.05
C LYS B 70 -0.82 -2.64 52.88
N ASP B 71 0.46 -3.03 52.79
CA ASP B 71 1.57 -2.22 53.27
C ASP B 71 2.20 -1.48 52.06
N PRO B 72 1.93 -0.17 51.93
CA PRO B 72 2.38 0.58 50.78
C PRO B 72 3.89 0.82 50.76
N CYS B 73 4.52 0.77 51.94
CA CYS B 73 5.96 1.01 52.07
C CYS B 73 6.79 -0.19 51.68
N ALA B 74 6.12 -1.33 51.48
CA ALA B 74 6.74 -2.62 51.12
C ALA B 74 6.89 -2.76 49.60
N ALA B 75 6.06 -2.02 48.86
CA ALA B 75 6.14 -1.97 47.41
C ALA B 75 7.47 -1.36 46.98
N PRO B 76 8.08 -1.90 45.90
CA PRO B 76 7.54 -2.87 44.94
C PRO B 76 7.91 -4.34 45.15
N ASN B 77 8.49 -4.69 46.30
CA ASN B 77 8.90 -6.06 46.60
C ASN B 77 7.75 -7.08 46.57
N GLU B 78 7.89 -8.08 45.69
CA GLU B 78 6.83 -9.06 45.39
C GLU B 78 6.49 -10.01 46.56
N GLY B 79 7.49 -10.28 47.40
CA GLY B 79 7.35 -11.15 48.57
C GLY B 79 6.49 -10.56 49.68
N PHE B 80 6.48 -9.23 49.79
CA PHE B 80 5.69 -8.53 50.80
C PHE B 80 4.42 -7.89 50.23
N CYS B 81 3.78 -8.55 49.28
CA CYS B 81 2.51 -8.05 48.77
C CYS B 81 1.36 -8.82 49.40
N SER B 82 0.16 -8.22 49.38
CA SER B 82 -1.07 -8.88 49.78
C SER B 82 -1.57 -9.82 48.67
N ALA B 83 -1.63 -9.32 47.44
CA ALA B 83 -2.01 -10.14 46.26
C ALA B 83 -1.26 -9.75 44.98
N GLY B 84 -1.32 -10.65 43.99
CA GLY B 84 -0.62 -10.50 42.70
C GLY B 84 -1.08 -11.47 41.62
N VAL B 85 -1.06 -11.04 40.37
CA VAL B 85 -1.44 -11.91 39.25
C VAL B 85 -0.84 -11.49 37.87
N GLN B 86 -0.61 -12.49 37.02
CA GLN B 86 -0.13 -12.29 35.65
C GLN B 86 -1.31 -12.01 34.71
N THR B 87 -1.15 -11.01 33.84
CA THR B 87 -2.11 -10.77 32.75
C THR B 87 -1.42 -11.18 31.45
N GLU B 88 -2.20 -11.64 30.48
CA GLU B 88 -1.66 -12.05 29.18
C GLU B 88 -0.73 -10.99 28.55
N ALA B 89 -1.24 -9.76 28.39
CA ALA B 89 -0.50 -8.68 27.75
C ALA B 89 -0.22 -7.54 28.74
N GLY B 90 0.46 -6.50 28.26
CA GLY B 90 0.89 -5.42 29.11
C GLY B 90 -0.32 -4.65 29.59
N VAL B 91 -0.11 -3.82 30.61
CA VAL B 91 -1.17 -2.97 31.11
C VAL B 91 -0.82 -1.55 30.71
N ALA B 92 -1.65 -0.97 29.85
CA ALA B 92 -1.44 0.41 29.41
C ALA B 92 -2.07 1.41 30.38
N ASP B 93 -3.21 1.02 30.97
CA ASP B 93 -3.87 1.85 31.99
C ASP B 93 -4.71 1.02 32.97
N LEU B 94 -4.99 1.62 34.12
CA LEU B 94 -5.58 0.95 35.26
C LEU B 94 -6.62 1.84 35.90
N THR B 95 -7.57 1.20 36.59
CA THR B 95 -8.43 1.90 37.54
C THR B 95 -9.20 0.97 38.47
N TRP B 96 -9.37 1.45 39.69
CA TRP B 96 -10.24 0.81 40.68
C TRP B 96 -11.68 0.91 40.21
N VAL B 97 -12.42 -0.18 40.31
CA VAL B 97 -13.87 -0.13 40.34
C VAL B 97 -14.30 -0.46 41.77
N GLY B 98 -14.88 0.52 42.45
CA GLY B 98 -15.26 0.32 43.83
C GLY B 98 -14.05 0.06 44.70
N GLU B 99 -14.12 -1.00 45.50
N GLU B 99 -14.13 -0.99 45.53
CA GLU B 99 -13.06 -1.33 46.44
CA GLU B 99 -13.06 -1.33 46.47
C GLU B 99 -12.40 -2.67 46.12
C GLU B 99 -12.41 -2.67 46.13
N ARG B 100 -13.05 -3.44 45.24
CA ARG B 100 -12.55 -4.77 44.87
C ARG B 100 -12.34 -4.98 43.35
N GLY B 101 -12.84 -4.04 42.55
CA GLY B 101 -12.75 -4.15 41.09
C GLY B 101 -11.51 -3.45 40.53
N ILE B 102 -10.89 -4.09 39.55
CA ILE B 102 -9.75 -3.50 38.83
C ILE B 102 -10.00 -3.56 37.32
N LEU B 103 -10.09 -2.37 36.72
CA LEU B 103 -10.40 -2.27 35.30
C LEU B 103 -9.13 -1.96 34.49
N VAL B 104 -8.86 -2.80 33.50
CA VAL B 104 -7.56 -2.82 32.84
C VAL B 104 -7.63 -2.51 31.34
N ALA B 105 -6.78 -1.56 30.91
CA ALA B 105 -6.56 -1.26 29.49
C ALA B 105 -5.39 -2.11 28.98
N SER B 106 -5.69 -3.13 28.17
CA SER B 106 -4.63 -3.99 27.70
C SER B 106 -4.11 -3.74 26.27
N ASP B 107 -2.81 -3.92 26.10
CA ASP B 107 -2.17 -4.09 24.78
C ASP B 107 -2.94 -5.01 23.82
N SER B 108 -3.58 -6.05 24.36
CA SER B 108 -4.24 -7.09 23.57
C SER B 108 -5.43 -6.61 22.74
N GLY B 109 -5.87 -5.39 22.97
CA GLY B 109 -7.12 -4.87 22.41
C GLY B 109 -8.27 -4.98 23.42
N ALA B 110 -7.97 -5.65 24.53
CA ALA B 110 -8.99 -5.97 25.49
C ALA B 110 -9.09 -4.93 26.59
N VAL B 111 -10.34 -4.73 27.02
CA VAL B 111 -10.62 -4.15 28.31
C VAL B 111 -10.93 -5.33 29.20
N GLU B 112 -10.23 -5.42 30.32
CA GLU B 112 -10.58 -6.48 31.28
C GLU B 112 -10.90 -6.00 32.68
N LEU B 113 -11.88 -6.68 33.27
CA LEU B 113 -12.26 -6.50 34.66
C LEU B 113 -11.73 -7.66 35.48
N TRP B 114 -10.90 -7.31 36.46
CA TRP B 114 -10.38 -8.25 37.45
C TRP B 114 -11.08 -7.98 38.79
N GLU B 115 -11.53 -9.06 39.42
CA GLU B 115 -12.22 -9.00 40.73
C GLU B 115 -11.24 -9.38 41.84
N LEU B 116 -11.33 -8.68 42.97
CA LEU B 116 -10.51 -9.01 44.12
C LEU B 116 -11.12 -10.18 44.92
N ASP B 117 -10.25 -10.93 45.59
CA ASP B 117 -10.62 -12.04 46.47
C ASP B 117 -11.57 -11.64 47.61
N GLU B 118 -12.28 -12.61 48.16
CA GLU B 118 -13.03 -12.42 49.40
C GLU B 118 -12.05 -12.11 50.56
N ASN B 119 -11.02 -12.95 50.72
CA ASN B 119 -9.95 -12.71 51.69
C ASN B 119 -9.06 -11.56 51.26
N GLU B 120 -9.15 -11.23 49.96
CA GLU B 120 -8.34 -10.21 49.28
C GLU B 120 -6.87 -10.64 49.19
N THR B 121 -6.68 -11.91 48.81
CA THR B 121 -5.36 -12.55 48.79
C THR B 121 -5.08 -13.17 47.43
N LEU B 122 -6.06 -13.08 46.54
CA LEU B 122 -5.87 -13.39 45.12
C LEU B 122 -6.73 -12.51 44.21
N ILE B 123 -6.35 -12.45 42.92
CA ILE B 123 -6.98 -11.53 41.95
C ILE B 123 -7.47 -12.35 40.77
N VAL B 124 -8.74 -12.19 40.45
CA VAL B 124 -9.37 -13.15 39.54
C VAL B 124 -10.06 -12.44 38.38
N SER B 125 -9.76 -12.90 37.16
CA SER B 125 -10.36 -12.31 35.97
C SER B 125 -11.86 -12.54 36.03
N LYS B 126 -12.60 -11.43 35.99
CA LYS B 126 -14.07 -11.46 35.87
C LYS B 126 -14.55 -11.38 34.41
N PHE B 127 -13.99 -10.44 33.63
CA PHE B 127 -14.18 -10.45 32.17
C PHE B 127 -12.99 -9.89 31.36
N CYS B 128 -12.82 -10.47 30.19
CA CYS B 128 -11.78 -10.05 29.25
C CYS B 128 -12.47 -9.90 27.91
N LYS B 129 -12.73 -8.66 27.50
CA LYS B 129 -13.43 -8.44 26.23
C LYS B 129 -12.52 -7.86 25.13
N TYR B 130 -12.47 -8.59 24.01
CA TYR B 130 -11.64 -8.19 22.88
C TYR B 130 -12.47 -7.36 21.91
N GLU B 131 -12.53 -6.07 22.20
CA GLU B 131 -13.45 -5.18 21.52
C GLU B 131 -12.80 -4.06 20.69
N HIS B 132 -11.59 -3.66 21.11
CA HIS B 132 -10.79 -2.65 20.41
C HIS B 132 -9.85 -3.35 19.41
N ASP B 133 -9.54 -2.66 18.32
CA ASP B 133 -8.71 -3.24 17.27
C ASP B 133 -7.21 -3.04 17.46
N ASP B 134 -6.82 -2.31 18.50
CA ASP B 134 -5.43 -1.96 18.76
C ASP B 134 -5.28 -1.84 20.27
N ILE B 135 -4.06 -1.58 20.74
CA ILE B 135 -3.80 -1.30 22.13
C ILE B 135 -4.90 -0.40 22.71
N VAL B 136 -5.52 -0.84 23.82
CA VAL B 136 -6.36 0.04 24.62
C VAL B 136 -5.41 0.82 25.51
N SER B 137 -5.46 2.14 25.43
CA SER B 137 -4.44 3.00 26.02
C SER B 137 -4.93 3.76 27.24
N THR B 138 -6.24 3.85 27.40
CA THR B 138 -6.84 4.60 28.52
C THR B 138 -8.22 4.06 28.94
N VAL B 139 -8.48 4.04 30.25
CA VAL B 139 -9.79 3.78 30.84
C VAL B 139 -10.10 4.70 32.01
N SER B 140 -11.38 5.02 32.18
CA SER B 140 -11.87 5.76 33.33
C SER B 140 -13.19 5.15 33.76
N VAL B 141 -13.47 5.17 35.06
CA VAL B 141 -14.76 4.69 35.56
C VAL B 141 -15.65 5.89 35.72
N LEU B 142 -16.88 5.76 35.22
CA LEU B 142 -17.89 6.82 35.33
C LEU B 142 -18.47 6.92 36.76
N SER B 143 -19.06 8.08 37.09
CA SER B 143 -19.34 8.46 38.49
C SER B 143 -20.15 7.43 39.29
N SER B 144 -21.20 6.88 38.69
CA SER B 144 -22.02 5.86 39.38
C SER B 144 -21.17 4.69 39.89
N GLY B 145 -20.23 4.24 39.06
CA GLY B 145 -19.41 3.05 39.33
C GLY B 145 -19.90 1.86 38.51
N THR B 146 -20.88 2.07 37.64
CA THR B 146 -21.49 0.98 36.88
C THR B 146 -21.08 0.96 35.40
N GLN B 147 -20.44 2.04 34.96
CA GLN B 147 -19.98 2.18 33.58
C GLN B 147 -18.55 2.70 33.46
N ALA B 148 -17.95 2.45 32.31
CA ALA B 148 -16.62 2.98 32.01
C ALA B 148 -16.45 3.33 30.54
N VAL B 149 -15.59 4.31 30.29
CA VAL B 149 -15.17 4.69 28.93
C VAL B 149 -13.69 4.33 28.76
N SER B 150 -13.38 3.72 27.62
CA SER B 150 -12.00 3.38 27.27
C SER B 150 -11.62 4.13 26.00
N GLY B 151 -10.30 4.36 25.84
CA GLY B 151 -9.70 4.92 24.63
C GLY B 151 -8.66 3.99 24.04
N SER B 152 -8.63 3.91 22.71
CA SER B 152 -7.65 3.06 22.02
C SER B 152 -6.80 3.81 20.96
N LYS B 153 -5.65 3.23 20.61
CA LYS B 153 -4.92 3.60 19.40
C LYS B 153 -5.74 3.34 18.13
N ASP B 154 -6.81 2.56 18.23
CA ASP B 154 -7.70 2.26 17.09
C ASP B 154 -8.67 3.42 16.80
N ILE B 155 -8.42 4.54 17.50
CA ILE B 155 -9.13 5.82 17.33
C ILE B 155 -10.57 5.83 17.96
N CYS B 156 -11.00 4.69 18.49
CA CYS B 156 -12.33 4.58 19.13
C CYS B 156 -12.37 4.87 20.62
N ILE B 157 -13.57 5.22 21.09
CA ILE B 157 -13.87 5.52 22.48
C ILE B 157 -15.14 4.72 22.72
N LYS B 158 -15.17 3.94 23.80
CA LYS B 158 -16.26 2.96 24.00
C LYS B 158 -16.87 3.06 25.39
N VAL B 159 -18.19 2.95 25.46
CA VAL B 159 -18.88 3.02 26.75
C VAL B 159 -19.32 1.63 27.20
N TRP B 160 -18.89 1.26 28.40
CA TRP B 160 -19.07 -0.09 28.90
C TRP B 160 -20.17 -0.18 29.97
N ASP B 161 -20.97 -1.24 29.87
CA ASP B 161 -21.79 -1.70 31.01
C ASP B 161 -21.02 -2.79 31.78
N LEU B 162 -20.54 -2.43 32.97
CA LEU B 162 -19.66 -3.34 33.75
C LEU B 162 -20.39 -4.54 34.32
N ALA B 163 -21.64 -4.33 34.72
CA ALA B 163 -22.50 -5.41 35.16
C ALA B 163 -22.77 -6.36 33.98
N GLN B 164 -23.15 -5.81 32.84
CA GLN B 164 -23.49 -6.63 31.68
C GLN B 164 -22.29 -7.17 30.88
N GLN B 165 -21.09 -6.61 31.12
CA GLN B 165 -19.89 -7.01 30.36
C GLN B 165 -20.07 -6.79 28.84
N VAL B 166 -20.65 -5.64 28.47
CA VAL B 166 -20.78 -5.28 27.06
C VAL B 166 -20.51 -3.80 26.77
N VAL B 167 -20.21 -3.53 25.50
CA VAL B 167 -20.11 -2.19 24.94
C VAL B 167 -21.50 -1.70 24.61
N LEU B 168 -21.92 -0.61 25.24
CA LEU B 168 -23.21 0.02 24.94
C LEU B 168 -23.06 0.97 23.75
N SER B 169 -22.05 1.84 23.81
CA SER B 169 -21.80 2.84 22.78
C SER B 169 -20.35 2.83 22.30
N SER B 170 -20.18 2.97 20.98
CA SER B 170 -18.87 3.02 20.35
C SER B 170 -18.77 4.29 19.50
N TYR B 171 -17.78 5.15 19.80
CA TYR B 171 -17.64 6.45 19.14
C TYR B 171 -16.29 6.66 18.43
N ARG B 172 -16.36 6.87 17.11
CA ARG B 172 -15.20 7.32 16.33
C ARG B 172 -15.23 8.83 16.17
N ALA B 173 -14.97 9.56 17.23
CA ALA B 173 -15.02 11.01 17.15
C ALA B 173 -13.71 11.54 16.60
N HIS B 174 -12.63 10.87 16.96
CA HIS B 174 -11.29 11.34 16.73
C HIS B 174 -10.70 10.93 15.38
N ALA B 175 -9.56 11.53 15.02
CA ALA B 175 -8.94 11.17 13.74
C ALA B 175 -7.49 10.69 13.87
N ALA B 176 -7.08 10.48 15.11
CA ALA B 176 -5.81 9.85 15.44
C ALA B 176 -6.02 9.12 16.78
N GLN B 177 -5.09 8.24 17.12
CA GLN B 177 -5.18 7.44 18.33
C GLN B 177 -5.54 8.27 19.56
N VAL B 178 -6.31 7.67 20.47
CA VAL B 178 -6.80 8.35 21.67
C VAL B 178 -5.79 8.27 22.82
N THR B 179 -5.58 9.37 23.52
CA THR B 179 -4.47 9.49 24.46
C THR B 179 -4.96 9.36 25.90
N CYS B 180 -6.06 10.06 26.24
N CYS B 180 -6.07 10.05 26.20
CA CYS B 180 -6.62 10.07 27.60
CA CYS B 180 -6.68 10.04 27.52
C CYS B 180 -8.14 10.20 27.55
C CYS B 180 -8.18 10.03 27.39
N VAL B 181 -8.83 9.41 28.37
CA VAL B 181 -10.27 9.63 28.61
C VAL B 181 -10.49 9.78 30.11
N ALA B 182 -11.13 10.87 30.53
CA ALA B 182 -11.48 11.10 31.95
C ALA B 182 -12.97 11.36 32.22
N ALA B 183 -13.58 10.51 33.06
CA ALA B 183 -14.99 10.66 33.49
C ALA B 183 -15.17 11.87 34.38
N SER B 184 -16.25 12.64 34.20
CA SER B 184 -16.52 13.77 35.12
C SER B 184 -16.69 13.23 36.53
N PRO B 185 -16.36 14.05 37.56
CA PRO B 185 -16.48 13.58 38.95
C PRO B 185 -17.89 13.11 39.30
N HIS B 186 -18.92 13.82 38.80
CA HIS B 186 -20.30 13.56 39.24
C HIS B 186 -21.39 13.23 38.21
N LYS B 187 -21.06 13.20 36.92
CA LYS B 187 -22.09 12.94 35.88
C LYS B 187 -21.76 11.75 34.99
N ASP B 188 -22.60 10.72 35.05
CA ASP B 188 -22.35 9.45 34.34
C ASP B 188 -22.19 9.57 32.82
N SER B 189 -22.64 10.69 32.27
CA SER B 189 -22.74 10.83 30.84
C SER B 189 -21.81 11.91 30.31
N VAL B 190 -20.98 12.45 31.20
CA VAL B 190 -20.01 13.47 30.83
C VAL B 190 -18.59 12.99 31.13
N PHE B 191 -17.75 13.07 30.10
CA PHE B 191 -16.31 12.76 30.24
C PHE B 191 -15.49 13.53 29.20
N LEU B 192 -14.21 13.71 29.49
CA LEU B 192 -13.29 14.39 28.58
C LEU B 192 -12.51 13.34 27.83
N SER B 193 -12.10 13.67 26.61
CA SER B 193 -11.19 12.83 25.83
C SER B 193 -10.20 13.71 25.07
N CYS B 194 -9.03 13.17 24.75
CA CYS B 194 -8.05 13.93 23.98
C CYS B 194 -7.19 13.01 23.13
N SER B 195 -6.88 13.50 21.94
CA SER B 195 -6.30 12.66 20.89
C SER B 195 -5.11 13.36 20.26
N GLU B 196 -4.37 12.57 19.47
CA GLU B 196 -3.26 13.10 18.71
C GLU B 196 -3.76 13.85 17.46
N ASP B 197 -5.09 13.91 17.32
CA ASP B 197 -5.69 14.62 16.22
C ASP B 197 -5.87 16.09 16.61
N ASN B 198 -5.26 16.45 17.73
CA ASN B 198 -5.29 17.79 18.32
C ASN B 198 -6.57 18.24 19.03
N ARG B 199 -7.56 17.35 19.13
CA ARG B 199 -8.83 17.69 19.76
C ARG B 199 -8.90 17.29 21.23
N ILE B 200 -9.36 18.22 22.05
CA ILE B 200 -9.99 17.85 23.32
C ILE B 200 -11.51 17.90 23.15
N LEU B 201 -12.15 16.76 23.39
CA LEU B 201 -13.60 16.68 23.34
C LEU B 201 -14.27 16.56 24.70
N LEU B 202 -15.14 17.54 25.00
CA LEU B 202 -16.12 17.42 26.06
C LEU B 202 -17.31 16.58 25.60
N TRP B 203 -17.55 15.46 26.27
CA TRP B 203 -18.63 14.57 25.92
C TRP B 203 -19.83 14.73 26.83
N ASP B 204 -21.01 14.49 26.28
CA ASP B 204 -22.25 14.39 27.02
C ASP B 204 -23.17 13.50 26.22
N THR B 205 -23.25 12.23 26.61
CA THR B 205 -24.02 11.26 25.84
C THR B 205 -25.54 11.49 25.84
N ARG B 206 -26.00 12.51 26.54
CA ARG B 206 -27.43 12.86 26.52
C ARG B 206 -27.81 13.54 25.20
N CYS B 207 -26.83 14.24 24.61
CA CYS B 207 -26.94 14.92 23.32
C CYS B 207 -26.93 14.00 22.10
N PRO B 208 -27.73 14.35 21.07
CA PRO B 208 -27.73 13.58 19.82
C PRO B 208 -26.33 13.50 19.21
N LYS B 209 -25.63 14.64 19.19
CA LYS B 209 -24.21 14.69 18.85
C LYS B 209 -23.41 14.94 20.14
N PRO B 210 -22.91 13.84 20.77
CA PRO B 210 -22.31 13.77 22.10
C PRO B 210 -21.05 14.57 22.38
N ALA B 211 -20.14 14.63 21.41
CA ALA B 211 -18.88 15.33 21.61
C ALA B 211 -18.99 16.80 21.25
N SER B 212 -18.13 17.60 21.86
CA SER B 212 -18.03 19.00 21.51
C SER B 212 -16.59 19.41 21.71
N GLN B 213 -16.02 20.07 20.69
CA GLN B 213 -14.59 20.41 20.69
C GLN B 213 -14.30 21.62 21.56
N ILE B 214 -13.38 21.48 22.49
CA ILE B 214 -13.08 22.56 23.44
C ILE B 214 -11.57 22.80 23.56
N GLY B 215 -11.21 23.96 24.08
CA GLY B 215 -9.81 24.31 24.31
C GLY B 215 -9.52 25.76 24.01
N CYS B 216 -8.24 26.12 24.03
CA CYS B 216 -7.82 27.52 23.88
C CYS B 216 -8.22 28.11 22.53
N SER B 217 -8.11 29.44 22.43
CA SER B 217 -8.37 30.15 21.18
C SER B 217 -7.59 29.50 20.03
N ALA B 218 -6.28 29.72 20.01
CA ALA B 218 -5.39 29.12 19.01
C ALA B 218 -5.12 27.65 19.30
N PRO B 219 -5.29 26.77 18.29
CA PRO B 219 -4.75 25.42 18.36
C PRO B 219 -3.26 25.45 18.72
N GLY B 220 -2.87 24.57 19.64
CA GLY B 220 -1.51 24.53 20.13
C GLY B 220 -0.88 23.16 20.00
N TYR B 221 -0.11 22.79 21.02
CA TYR B 221 0.56 21.51 21.04
C TYR B 221 -0.41 20.41 21.44
N LEU B 222 -0.17 19.19 20.97
CA LEU B 222 -1.13 18.07 21.17
C LEU B 222 -1.43 17.86 22.65
N PRO B 223 -2.69 17.53 22.97
CA PRO B 223 -3.06 17.29 24.36
C PRO B 223 -2.67 15.90 24.78
N THR B 224 -2.10 15.75 25.98
CA THR B 224 -1.56 14.46 26.42
C THR B 224 -2.04 13.95 27.78
N SER B 225 -2.73 14.79 28.55
CA SER B 225 -3.26 14.37 29.86
C SER B 225 -4.39 15.28 30.34
N LEU B 226 -5.36 14.68 31.03
CA LEU B 226 -6.51 15.42 31.54
C LEU B 226 -6.89 15.04 32.97
N ALA B 227 -7.27 16.04 33.75
CA ALA B 227 -7.85 15.81 35.08
C ALA B 227 -8.93 16.85 35.39
N TRP B 228 -10.12 16.37 35.74
CA TRP B 228 -11.19 17.25 36.22
C TRP B 228 -10.80 17.78 37.59
N HIS B 229 -11.27 18.97 37.93
CA HIS B 229 -11.13 19.50 39.30
C HIS B 229 -12.14 18.77 40.17
N PRO B 230 -11.71 18.30 41.36
CA PRO B 230 -12.64 17.44 42.07
C PRO B 230 -13.84 18.17 42.71
N GLN B 231 -13.81 19.51 42.75
CA GLN B 231 -14.93 20.28 43.29
C GLN B 231 -15.64 21.18 42.28
N GLN B 232 -14.90 22.16 41.76
CA GLN B 232 -15.38 23.00 40.67
C GLN B 232 -15.57 22.08 39.46
N SER B 233 -16.73 21.44 39.42
CA SER B 233 -17.03 20.34 38.50
C SER B 233 -17.12 20.79 37.03
N GLU B 234 -16.77 22.06 36.79
CA GLU B 234 -16.81 22.66 35.47
C GLU B 234 -15.40 23.05 35.00
N VAL B 235 -14.40 22.78 35.84
CA VAL B 235 -13.01 23.05 35.48
C VAL B 235 -12.16 21.79 35.35
N PHE B 236 -11.26 21.80 34.37
CA PHE B 236 -10.27 20.74 34.27
C PHE B 236 -8.93 21.33 33.90
N VAL B 237 -7.86 20.60 34.22
CA VAL B 237 -6.54 20.89 33.68
C VAL B 237 -6.23 19.94 32.51
N PHE B 238 -5.41 20.41 31.57
CA PHE B 238 -4.83 19.50 30.58
C PHE B 238 -3.36 19.76 30.32
N GLY B 239 -2.63 18.69 30.07
CA GLY B 239 -1.21 18.80 29.83
C GLY B 239 -0.93 18.54 28.37
N ASP B 240 0.08 19.19 27.82
CA ASP B 240 0.39 18.96 26.42
C ASP B 240 1.74 18.28 26.21
N GLU B 241 2.02 17.94 24.96
CA GLU B 241 3.28 17.28 24.58
C GLU B 241 4.50 18.19 24.70
N ASN B 242 4.29 19.45 25.05
CA ASN B 242 5.40 20.39 25.19
C ASN B 242 5.72 20.77 26.62
N GLY B 243 5.00 20.18 27.57
CA GLY B 243 5.36 20.32 28.99
C GLY B 243 4.55 21.38 29.73
N THR B 244 3.53 21.87 29.04
CA THR B 244 2.66 22.89 29.55
C THR B 244 1.38 22.31 30.11
N VAL B 245 1.11 22.68 31.36
CA VAL B 245 -0.13 22.36 32.03
C VAL B 245 -1.02 23.60 31.95
N SER B 246 -2.29 23.38 31.60
CA SER B 246 -3.22 24.47 31.39
C SER B 246 -4.56 24.17 32.04
N LEU B 247 -5.21 25.23 32.50
CA LEU B 247 -6.46 25.14 33.23
C LEU B 247 -7.60 25.70 32.37
N VAL B 248 -8.59 24.86 32.13
CA VAL B 248 -9.75 25.21 31.31
C VAL B 248 -11.05 25.24 32.12
N ASP B 249 -11.91 26.18 31.74
CA ASP B 249 -13.28 26.31 32.23
C ASP B 249 -14.22 25.91 31.09
N THR B 250 -15.18 25.03 31.35
CA THR B 250 -16.14 24.66 30.32
C THR B 250 -17.17 25.76 30.03
N LYS B 251 -17.63 26.46 31.08
CA LYS B 251 -18.60 27.55 30.97
C LYS B 251 -18.13 28.69 30.06
N SER B 252 -17.07 29.39 30.48
CA SER B 252 -16.46 30.48 29.69
C SER B 252 -15.68 29.98 28.46
N THR B 253 -15.67 28.65 28.29
CA THR B 253 -15.17 27.97 27.09
C THR B 253 -13.87 28.61 26.48
N SER B 254 -12.92 28.87 27.36
CA SER B 254 -11.59 29.35 26.98
C SER B 254 -10.55 29.10 28.09
N CYS B 255 -9.27 29.08 27.70
CA CYS B 255 -8.16 28.76 28.61
C CYS B 255 -7.83 29.93 29.51
N VAL B 256 -7.89 29.68 30.82
CA VAL B 256 -7.67 30.72 31.81
C VAL B 256 -6.17 30.86 32.12
N LEU B 257 -5.59 29.85 32.77
CA LEU B 257 -4.19 29.88 33.17
C LEU B 257 -3.38 28.77 32.51
N SER B 258 -2.06 28.98 32.45
CA SER B 258 -1.13 28.00 31.90
C SER B 258 0.27 28.24 32.45
N SER B 259 1.03 27.16 32.60
CA SER B 259 2.41 27.28 33.06
C SER B 259 3.29 26.29 32.29
N ALA B 260 4.53 26.71 31.99
CA ALA B 260 5.55 25.77 31.48
C ALA B 260 6.15 24.97 32.65
N VAL B 261 5.55 23.82 32.93
CA VAL B 261 5.92 23.00 34.11
C VAL B 261 7.06 22.07 33.76
N HIS B 262 6.95 21.40 32.62
CA HIS B 262 7.89 20.35 32.26
C HIS B 262 8.61 20.62 30.94
N SER B 263 9.73 19.92 30.77
CA SER B 263 10.62 20.07 29.62
C SER B 263 10.40 18.95 28.62
N GLN B 264 9.42 18.10 28.92
CA GLN B 264 8.99 17.02 28.05
C GLN B 264 7.50 16.87 28.25
N CYS B 265 6.90 15.99 27.48
CA CYS B 265 5.46 15.79 27.50
C CYS B 265 4.89 15.51 28.92
N VAL B 266 3.72 16.08 29.23
CA VAL B 266 3.02 15.85 30.51
C VAL B 266 2.09 14.63 30.45
N THR B 267 2.50 13.51 31.04
CA THR B 267 1.74 12.25 30.91
C THR B 267 0.61 12.03 31.93
N GLY B 268 0.66 12.72 33.07
CA GLY B 268 -0.40 12.59 34.05
C GLY B 268 -0.61 13.81 34.92
N LEU B 269 -1.88 14.02 35.28
CA LEU B 269 -2.26 15.10 36.20
C LEU B 269 -3.23 14.59 37.29
N VAL B 270 -2.81 14.73 38.54
CA VAL B 270 -3.57 14.19 39.67
C VAL B 270 -3.79 15.25 40.76
N PHE B 271 -5.07 15.54 41.03
CA PHE B 271 -5.45 16.47 42.10
C PHE B 271 -5.41 15.79 43.48
N SER B 272 -4.99 16.53 44.50
CA SER B 272 -4.96 16.02 45.87
C SER B 272 -6.38 15.94 46.46
N PRO B 273 -6.56 15.16 47.54
CA PRO B 273 -7.87 15.09 48.21
C PRO B 273 -8.20 16.33 49.06
N HIS B 274 -7.18 17.13 49.41
CA HIS B 274 -7.32 18.42 50.13
C HIS B 274 -8.55 19.26 49.77
N SER B 275 -9.00 20.08 50.74
CA SER B 275 -10.12 21.02 50.56
C SER B 275 -9.90 21.91 49.34
N VAL B 276 -8.88 22.75 49.40
CA VAL B 276 -8.38 23.43 48.20
C VAL B 276 -7.21 22.57 47.66
N PRO B 277 -7.40 21.93 46.50
CA PRO B 277 -6.54 20.80 46.17
C PRO B 277 -5.27 21.17 45.43
N PHE B 278 -4.23 20.39 45.69
CA PHE B 278 -2.96 20.48 44.96
C PHE B 278 -3.04 19.59 43.72
N LEU B 279 -2.23 19.93 42.73
CA LEU B 279 -2.17 19.19 41.48
C LEU B 279 -0.78 18.61 41.27
N ALA B 280 -0.71 17.29 41.26
CA ALA B 280 0.51 16.57 40.90
C ALA B 280 0.65 16.53 39.37
N SER B 281 1.85 16.85 38.90
CA SER B 281 2.15 16.87 37.48
C SER B 281 3.33 15.91 37.22
N LEU B 282 3.13 14.97 36.32
CA LEU B 282 4.19 13.99 36.04
C LEU B 282 4.54 13.91 34.55
N SER B 283 5.82 13.68 34.27
CA SER B 283 6.33 13.86 32.92
C SER B 283 7.41 12.88 32.50
N GLU B 284 7.58 12.76 31.18
CA GLU B 284 8.68 12.02 30.59
C GLU B 284 10.03 12.69 30.85
N ASP B 285 10.01 13.91 31.36
CA ASP B 285 11.28 14.51 31.81
C ASP B 285 11.75 13.88 33.12
N CYS B 286 11.03 12.85 33.57
CA CYS B 286 11.44 12.01 34.70
C CYS B 286 11.21 12.69 36.03
N SER B 287 10.49 13.79 36.03
CA SER B 287 10.26 14.54 37.25
C SER B 287 8.79 14.54 37.67
N LEU B 288 8.57 14.71 38.97
CA LEU B 288 7.26 15.04 39.52
C LEU B 288 7.26 16.50 39.93
N ALA B 289 6.14 17.17 39.69
CA ALA B 289 5.93 18.51 40.23
C ALA B 289 4.56 18.61 40.90
N VAL B 290 4.48 19.47 41.91
CA VAL B 290 3.21 19.72 42.60
C VAL B 290 2.90 21.21 42.55
N LEU B 291 1.70 21.50 42.07
CA LEU B 291 1.27 22.87 41.83
C LEU B 291 0.02 23.20 42.63
N ASP B 292 -0.14 24.48 42.96
CA ASP B 292 -1.34 24.97 43.62
C ASP B 292 -2.44 25.31 42.62
N SER B 293 -3.49 25.96 43.12
CA SER B 293 -4.67 26.33 42.32
C SER B 293 -4.31 27.21 41.13
N SER B 294 -3.29 28.05 41.29
CA SER B 294 -2.92 29.01 40.27
C SER B 294 -1.77 28.50 39.38
N LEU B 295 -1.46 27.21 39.51
CA LEU B 295 -0.43 26.54 38.68
C LEU B 295 0.99 26.98 39.03
N SER B 296 1.16 27.52 40.23
CA SER B 296 2.47 27.91 40.72
C SER B 296 3.16 26.69 41.36
N GLU B 297 4.49 26.65 41.27
CA GLU B 297 5.23 25.47 41.71
C GLU B 297 5.50 25.49 43.21
N LEU B 298 5.04 24.44 43.90
CA LEU B 298 5.29 24.27 45.33
C LEU B 298 6.40 23.25 45.60
N PHE B 299 6.50 22.24 44.72
CA PHE B 299 7.40 21.11 44.92
C PHE B 299 7.87 20.60 43.56
N ARG B 300 8.96 19.82 43.59
CA ARG B 300 9.51 19.16 42.41
C ARG B 300 10.38 18.02 42.89
N SER B 301 10.26 16.86 42.26
CA SER B 301 11.10 15.72 42.62
C SER B 301 11.77 15.02 41.44
N GLN B 302 13.10 14.96 41.48
CA GLN B 302 13.88 14.18 40.54
C GLN B 302 14.17 12.76 41.03
N ALA B 303 13.49 12.34 42.11
CA ALA B 303 13.72 11.00 42.67
C ALA B 303 13.77 9.89 41.62
N HIS B 304 13.01 10.07 40.55
CA HIS B 304 12.97 9.06 39.51
C HIS B 304 14.11 9.24 38.52
N ARG B 305 14.56 8.12 37.95
CA ARG B 305 15.59 8.16 36.92
C ARG B 305 15.14 7.52 35.61
N ASP B 306 13.82 7.37 35.46
CA ASP B 306 13.19 7.04 34.19
C ASP B 306 11.81 7.69 34.17
N PHE B 307 11.01 7.50 33.11
CA PHE B 307 9.66 8.11 33.05
C PHE B 307 8.85 7.87 34.33
N VAL B 308 8.12 8.90 34.75
CA VAL B 308 7.16 8.83 35.86
C VAL B 308 5.78 8.56 35.28
N ARG B 309 5.19 7.43 35.60
CA ARG B 309 3.94 7.02 34.97
C ARG B 309 2.66 7.33 35.74
N ASP B 310 2.71 7.36 37.07
CA ASP B 310 1.51 7.63 37.84
C ASP B 310 1.78 8.39 39.13
N ALA B 311 0.70 8.91 39.72
CA ALA B 311 0.73 9.43 41.09
C ALA B 311 -0.60 9.15 41.81
N THR B 312 -0.52 8.77 43.09
CA THR B 312 -1.70 8.82 43.99
C THR B 312 -1.39 9.46 45.32
N TRP B 313 -2.38 10.17 45.82
CA TRP B 313 -2.31 10.77 47.13
C TRP B 313 -2.84 9.76 48.15
N SER B 314 -2.08 9.54 49.21
CA SER B 314 -2.59 8.76 50.35
C SER B 314 -3.95 9.30 50.81
N PRO B 315 -4.94 8.41 51.00
CA PRO B 315 -6.20 8.86 51.61
C PRO B 315 -6.01 9.08 53.11
N LEU B 316 -5.16 8.26 53.73
CA LEU B 316 -4.88 8.28 55.16
C LEU B 316 -4.04 9.48 55.60
N ASN B 317 -2.97 9.77 54.86
CA ASN B 317 -2.15 10.95 55.13
C ASN B 317 -2.12 11.90 53.92
N HIS B 318 -2.96 12.93 53.98
CA HIS B 318 -3.17 13.82 52.83
C HIS B 318 -1.95 14.63 52.37
N SER B 319 -0.80 14.50 53.04
CA SER B 319 0.41 15.18 52.57
C SER B 319 1.38 14.21 51.91
N LEU B 320 1.02 12.93 51.95
CA LEU B 320 1.81 11.84 51.42
C LEU B 320 1.38 11.54 49.99
N LEU B 321 2.35 11.42 49.09
CA LEU B 321 2.09 11.20 47.65
C LEU B 321 2.98 10.13 47.04
N THR B 322 2.38 9.21 46.31
CA THR B 322 3.15 8.11 45.75
C THR B 322 3.24 8.15 44.23
N THR B 323 4.48 8.11 43.74
CA THR B 323 4.74 8.02 42.29
C THR B 323 5.45 6.74 41.93
N VAL B 324 5.16 6.23 40.74
CA VAL B 324 5.91 5.10 40.21
C VAL B 324 6.51 5.43 38.83
N GLY B 325 7.56 4.70 38.45
CA GLY B 325 8.28 4.96 37.21
C GLY B 325 8.69 3.72 36.45
N TRP B 326 9.36 3.92 35.32
CA TRP B 326 9.92 2.80 34.56
C TRP B 326 11.29 2.38 35.10
N ASP B 327 11.74 3.06 36.13
CA ASP B 327 12.93 2.68 36.90
C ASP B 327 12.61 1.67 37.99
N HIS B 328 11.34 1.28 38.09
CA HIS B 328 10.89 0.32 39.10
C HIS B 328 10.92 0.89 40.53
N GLN B 329 11.06 2.20 40.65
CA GLN B 329 10.88 2.85 41.93
C GLN B 329 9.41 3.14 42.26
N VAL B 330 9.04 2.84 43.51
CA VAL B 330 7.78 3.28 44.13
C VAL B 330 8.20 4.32 45.15
N VAL B 331 7.99 5.60 44.86
CA VAL B 331 8.46 6.67 45.77
C VAL B 331 7.30 7.33 46.50
N HIS B 332 7.50 7.53 47.81
CA HIS B 332 6.53 8.18 48.68
C HIS B 332 7.06 9.54 49.04
N HIS B 333 6.39 10.57 48.53
CA HIS B 333 6.81 11.95 48.71
C HIS B 333 6.01 12.60 49.84
N VAL B 334 6.67 13.45 50.62
CA VAL B 334 6.01 14.26 51.62
C VAL B 334 5.85 15.67 51.09
N VAL B 335 4.61 16.11 50.94
CA VAL B 335 4.33 17.38 50.26
C VAL B 335 3.90 18.48 51.22
N PRO B 336 4.67 19.59 51.25
CA PRO B 336 4.34 20.81 52.00
C PRO B 336 3.10 21.53 51.46
N SAM C . 5.87 -15.61 -41.56
CA SAM C . 6.62 -16.20 -40.45
C SAM C . 5.65 -16.60 -39.38
O SAM C . 6.05 -17.53 -38.62
OXT SAM C . 4.55 -15.99 -39.29
CB SAM C . 7.75 -15.29 -39.89
CG SAM C . 7.28 -13.94 -39.33
SD SAM C . 8.56 -12.95 -38.90
CE SAM C . 8.08 -11.85 -37.76
C5' SAM C . 9.12 -12.08 -40.20
C4' SAM C . 10.10 -12.86 -41.07
O4' SAM C . 10.43 -12.05 -42.21
C3' SAM C . 11.42 -13.15 -40.37
O3' SAM C . 11.75 -14.55 -40.48
C2' SAM C . 12.41 -12.24 -41.10
O2' SAM C . 13.73 -12.77 -41.16
C1' SAM C . 11.85 -12.12 -42.49
N9 SAM C . 12.20 -10.87 -43.22
C8 SAM C . 12.12 -9.65 -42.68
N7 SAM C . 12.46 -8.69 -43.58
C5 SAM C . 12.76 -9.30 -44.72
C6 SAM C . 13.18 -8.84 -46.04
N6 SAM C . 13.35 -7.51 -46.27
N1 SAM C . 13.41 -9.77 -46.98
C2 SAM C . 13.22 -11.10 -46.73
N3 SAM C . 12.82 -11.59 -45.54
C4 SAM C . 12.57 -10.74 -44.50
CAU 5QK D . 5.05 -11.97 -33.40
CAV 5QK D . 4.99 -12.77 -34.69
CAW 5QK D . 6.23 -13.39 -34.92
CBC 5QK D . 6.26 -14.50 -35.79
CBB 5QK D . 7.47 -15.15 -36.04
CBA 5QK D . 8.65 -14.69 -35.45
CAZ 5QK D . 8.63 -13.59 -34.58
CAX 5QK D . 7.43 -12.94 -34.32
CAY 5QK D . 7.47 -11.85 -33.45
NAT 5QK D . 6.22 -11.07 -33.33
CAS 5QK D . 6.21 -10.36 -32.02
CAB 5QK D . 6.63 -8.85 -32.09
OAA 5QK D . 7.48 -8.66 -33.21
CAC 5QK D . 7.29 -8.32 -30.79
NAD 5QK D . 7.24 -9.33 -29.70
CAE 5QK D . 6.14 -9.55 -28.90
OAF 5QK D . 5.07 -8.93 -28.95
CAG 5QK D . 6.27 -10.68 -27.86
OAH 5QK D . 7.65 -10.87 -27.49
CAI 5QK D . 7.79 -12.04 -26.85
CAJ 5QK D . 8.91 -12.82 -27.20
NAK 5QK D . 9.78 -12.41 -28.15
CAL 5QK D . 10.90 -13.21 -28.52
CAM 5QK D . 11.10 -14.45 -27.89
CAN 5QK D . 10.20 -14.87 -26.91
CAO 5QK D . 9.11 -14.06 -26.57
CAP 5QK D . 8.19 -14.48 -25.59
CAQ 5QK D . 7.09 -13.69 -25.25
CAR 5QK D . 6.89 -12.46 -25.87
C1 GOL E . 6.85 -10.73 2.73
O1 GOL E . 6.01 -10.19 1.70
C2 GOL E . 6.64 -12.23 2.93
O2 GOL E . 5.48 -12.78 2.27
C3 GOL E . 7.83 -12.97 2.35
O3 GOL E . 7.97 -14.15 3.12
C1 GOL F . -6.52 23.29 22.25
O1 GOL F . -5.80 24.40 22.81
C2 GOL F . -5.53 22.15 22.06
O2 GOL F . -6.13 20.85 22.17
C3 GOL F . -4.93 22.30 20.67
O3 GOL F . -3.56 21.90 20.81
#